data_9VYI
# 
_entry.id   9VYI 
# 
_audit_conform.dict_name       mmcif_pdbx.dic 
_audit_conform.dict_version    5.406 
_audit_conform.dict_location   http://mmcif.pdb.org/dictionaries/ascii/mmcif_pdbx.dic 
# 
loop_
_database_2.database_id 
_database_2.database_code 
_database_2.pdbx_database_accession 
_database_2.pdbx_DOI 
PDB   9VYI         pdb_00009vyi 10.2210/pdb9vyi/pdb 
WWPDB D_1300061818 ?            ?                   
EMDB  EMD-65454    ?            ?                   
# 
loop_
_pdbx_audit_revision_history.ordinal 
_pdbx_audit_revision_history.data_content_type 
_pdbx_audit_revision_history.major_revision 
_pdbx_audit_revision_history.minor_revision 
_pdbx_audit_revision_history.revision_date 
_pdbx_audit_revision_history.part_number 
1 'Structure model' 1 0 2025-10-22 ? 
2 'EM metadata'     1 0 2025-10-22 ? 
3 FSC               1 0 2025-10-22 ? 
4 'Half map'        1 0 2025-10-22 1 
5 'Half map'        1 0 2025-10-22 2 
6 Image             1 0 2025-10-22 ? 
7 'Primary map'     1 0 2025-10-22 ? 
# 
loop_
_pdbx_audit_revision_details.ordinal 
_pdbx_audit_revision_details.revision_ordinal 
_pdbx_audit_revision_details.data_content_type 
_pdbx_audit_revision_details.provider 
_pdbx_audit_revision_details.type 
_pdbx_audit_revision_details.description 
_pdbx_audit_revision_details.details 
1 1 'Structure model' repository 'Initial release' ? ? 
2 2 'EM metadata'     repository 'Initial release' ? ? 
3 3 FSC               repository 'Initial release' ? ? 
4 4 'Half map'        repository 'Initial release' ? ? 
5 5 'Half map'        repository 'Initial release' ? ? 
6 6 Image             repository 'Initial release' ? ? 
7 7 'Primary map'     repository 'Initial release' ? ? 
# 
_pdbx_database_status.status_code                     REL 
_pdbx_database_status.status_code_sf                  ? 
_pdbx_database_status.status_code_mr                  ? 
_pdbx_database_status.entry_id                        9VYI 
_pdbx_database_status.recvd_initial_deposition_date   2025-07-21 
_pdbx_database_status.SG_entry                        N 
_pdbx_database_status.deposit_site                    PDBJ 
_pdbx_database_status.process_site                    PDBC 
_pdbx_database_status.status_code_cs                  ? 
_pdbx_database_status.status_code_nmr_data            ? 
_pdbx_database_status.methods_development_category    ? 
_pdbx_database_status.pdb_format_compatible           Y 
# 
_pdbx_database_related.db_name        EMDB 
_pdbx_database_related.details        'Cryo-EM structure of bacteriophage P1 baseplate in C1' 
_pdbx_database_related.db_id          EMD-65454 
_pdbx_database_related.content_type   'associated EM volume' 
# 
_pdbx_contact_author.id                 2 
_pdbx_contact_author.email              hrliu@hunnu.edu.cn 
_pdbx_contact_author.name_first         Hongrong 
_pdbx_contact_author.name_last          Liu 
_pdbx_contact_author.name_mi            ? 
_pdbx_contact_author.role               'principal investigator/group leader' 
_pdbx_contact_author.identifier_ORCID   0000-0001-6247-5464 
# 
loop_
_audit_author.name 
_audit_author.pdbx_ordinal 
_audit_author.identifier_ORCID 
'Chen, Y.'  1 ? 
'Liu, H.R.' 2 ? 
# 
_citation.abstract                  ? 
_citation.abstract_id_CAS           ? 
_citation.book_id_ISBN              ? 
_citation.book_publisher            ? 
_citation.book_publisher_city       ? 
_citation.book_title                ? 
_citation.coordinate_linkage        ? 
_citation.country                   ? 
_citation.database_id_Medline       ? 
_citation.details                   ? 
_citation.id                        primary 
_citation.journal_abbrev            'To Be Published' 
_citation.journal_id_ASTM           ? 
_citation.journal_id_CSD            0353 
_citation.journal_id_ISSN           ? 
_citation.journal_full              ? 
_citation.journal_issue             ? 
_citation.journal_volume            ? 
_citation.language                  ? 
_citation.page_first                ? 
_citation.page_last                 ? 
_citation.title                     'The in stiu structure of the baseplate in C1' 
_citation.year                      ? 
_citation.database_id_CSD           ? 
_citation.pdbx_database_id_DOI      ? 
_citation.pdbx_database_id_PubMed   ? 
_citation.pdbx_database_id_patent   ? 
_citation.unpublished_flag          ? 
# 
loop_
_citation_author.citation_id 
_citation_author.name 
_citation_author.ordinal 
_citation_author.identifier_ORCID 
primary 'Chen, Y.'  1 ? 
primary 'Liu, H.R.' 2 ? 
# 
_entity.id                         1 
_entity.type                       polymer 
_entity.src_method                 nat 
_entity.pdbx_description           UpfC 
_entity.formula_weight             9519.601 
_entity.pdbx_number_of_molecules   1 
_entity.pdbx_ec                    ? 
_entity.pdbx_mutation              ? 
_entity.pdbx_fragment              ? 
_entity.details                    ? 
# 
_entity_poly.entity_id                      1 
_entity_poly.type                           'polypeptide(L)' 
_entity_poly.nstd_linkage                   no 
_entity_poly.nstd_monomer                   no 
_entity_poly.pdbx_seq_one_letter_code       
;MASIATKDSICSGHGGFPSRPPVESEPLLKVNGVEVLVDGKQYAQHTDGNSTHGGQAISTRAWFTVNGKGIVCVGDPVSC
GSTVAAGDGLVQVS
;
_entity_poly.pdbx_seq_one_letter_code_can   
;MASIATKDSICSGHGGFPSRPPVESEPLLKVNGVEVLVDGKQYAQHTDGNSTHGGQAISTRAWFTVNGKGIVCVGDPVSC
GSTVAAGDGLVQVS
;
_entity_poly.pdbx_strand_id                 A 
_entity_poly.pdbx_target_identifier         ? 
# 
loop_
_entity_poly_seq.entity_id 
_entity_poly_seq.num 
_entity_poly_seq.mon_id 
_entity_poly_seq.hetero 
1 1  MET n 
1 2  ALA n 
1 3  SER n 
1 4  ILE n 
1 5  ALA n 
1 6  THR n 
1 7  LYS n 
1 8  ASP n 
1 9  SER n 
1 10 ILE n 
1 11 CYS n 
1 12 SER n 
1 13 GLY n 
1 14 HIS n 
1 15 GLY n 
1 16 GLY n 
1 17 PHE n 
1 18 PRO n 
1 19 SER n 
1 20 ARG n 
1 21 PRO n 
1 22 PRO n 
1 23 VAL n 
1 24 GLU n 
1 25 SER n 
1 26 GLU n 
1 27 PRO n 
1 28 LEU n 
1 29 LEU n 
1 30 LYS n 
1 31 VAL n 
1 32 ASN n 
1 33 GLY n 
1 34 VAL n 
1 35 GLU n 
1 36 VAL n 
1 37 LEU n 
1 38 VAL n 
1 39 ASP n 
1 40 GLY n 
1 41 LYS n 
1 42 GLN n 
1 43 TYR n 
1 44 ALA n 
1 45 GLN n 
1 46 HIS n 
1 47 THR n 
1 48 ASP n 
1 49 GLY n 
1 50 ASN n 
1 51 SER n 
1 52 THR n 
1 53 HIS n 
1 54 GLY n 
1 55 GLY n 
1 56 GLN n 
1 57 ALA n 
1 58 ILE n 
1 59 SER n 
1 60 THR n 
1 61 ARG n 
1 62 ALA n 
1 63 TRP n 
1 64 PHE n 
1 65 THR n 
1 66 VAL n 
1 67 ASN n 
1 68 GLY n 
1 69 LYS n 
1 70 GLY n 
1 71 ILE n 
1 72 VAL n 
1 73 CYS n 
1 74 VAL n 
1 75 GLY n 
1 76 ASP n 
1 77 PRO n 
1 78 VAL n 
1 79 SER n 
1 80 CYS n 
1 81 GLY n 
1 82 SER n 
1 83 THR n 
1 84 VAL n 
1 85 ALA n 
1 86 ALA n 
1 87 GLY n 
1 88 ASP n 
1 89 GLY n 
1 90 LEU n 
1 91 VAL n 
1 92 GLN n 
1 93 VAL n 
1 94 SER n 
# 
_entity_src_nat.entity_id                  1 
_entity_src_nat.pdbx_src_id                1 
_entity_src_nat.pdbx_alt_source_flag       sample 
_entity_src_nat.pdbx_beg_seq_num           1 
_entity_src_nat.pdbx_end_seq_num           94 
_entity_src_nat.common_name                'Bacteriophage P1' 
_entity_src_nat.pdbx_organism_scientific   'Escherichia phage P1' 
_entity_src_nat.pdbx_ncbi_taxonomy_id      2886926 
_entity_src_nat.genus                      ? 
_entity_src_nat.species                    ? 
_entity_src_nat.strain                     ? 
_entity_src_nat.tissue                     ? 
_entity_src_nat.tissue_fraction            ? 
_entity_src_nat.pdbx_secretion             ? 
_entity_src_nat.pdbx_fragment              ? 
_entity_src_nat.pdbx_variant               ? 
_entity_src_nat.pdbx_cell_line             ? 
_entity_src_nat.pdbx_atcc                  ? 
_entity_src_nat.pdbx_cellular_location     ? 
_entity_src_nat.pdbx_organ                 ? 
_entity_src_nat.pdbx_organelle             ? 
_entity_src_nat.pdbx_cell                  ? 
_entity_src_nat.pdbx_plasmid_name          ? 
_entity_src_nat.pdbx_plasmid_details       ? 
_entity_src_nat.details                    ? 
# 
loop_
_chem_comp.id 
_chem_comp.type 
_chem_comp.mon_nstd_flag 
_chem_comp.name 
_chem_comp.pdbx_synonyms 
_chem_comp.formula 
_chem_comp.formula_weight 
ALA 'L-peptide linking' y ALANINE         ? 'C3 H7 N O2'     89.093  
ARG 'L-peptide linking' y ARGININE        ? 'C6 H15 N4 O2 1' 175.209 
ASN 'L-peptide linking' y ASPARAGINE      ? 'C4 H8 N2 O3'    132.118 
ASP 'L-peptide linking' y 'ASPARTIC ACID' ? 'C4 H7 N O4'     133.103 
CYS 'L-peptide linking' y CYSTEINE        ? 'C3 H7 N O2 S'   121.158 
GLN 'L-peptide linking' y GLUTAMINE       ? 'C5 H10 N2 O3'   146.144 
GLU 'L-peptide linking' y 'GLUTAMIC ACID' ? 'C5 H9 N O4'     147.129 
GLY 'peptide linking'   y GLYCINE         ? 'C2 H5 N O2'     75.067  
HIS 'L-peptide linking' y HISTIDINE       ? 'C6 H10 N3 O2 1' 156.162 
ILE 'L-peptide linking' y ISOLEUCINE      ? 'C6 H13 N O2'    131.173 
LEU 'L-peptide linking' y LEUCINE         ? 'C6 H13 N O2'    131.173 
LYS 'L-peptide linking' y LYSINE          ? 'C6 H15 N2 O2 1' 147.195 
MET 'L-peptide linking' y METHIONINE      ? 'C5 H11 N O2 S'  149.211 
PHE 'L-peptide linking' y PHENYLALANINE   ? 'C9 H11 N O2'    165.189 
PRO 'L-peptide linking' y PROLINE         ? 'C5 H9 N O2'     115.130 
SER 'L-peptide linking' y SERINE          ? 'C3 H7 N O3'     105.093 
THR 'L-peptide linking' y THREONINE       ? 'C4 H9 N O3'     119.119 
TRP 'L-peptide linking' y TRYPTOPHAN      ? 'C11 H12 N2 O2'  204.225 
TYR 'L-peptide linking' y TYROSINE        ? 'C9 H11 N O3'    181.189 
VAL 'L-peptide linking' y VALINE          ? 'C5 H11 N O2'    117.146 
# 
loop_
_pdbx_poly_seq_scheme.asym_id 
_pdbx_poly_seq_scheme.entity_id 
_pdbx_poly_seq_scheme.seq_id 
_pdbx_poly_seq_scheme.mon_id 
_pdbx_poly_seq_scheme.ndb_seq_num 
_pdbx_poly_seq_scheme.pdb_seq_num 
_pdbx_poly_seq_scheme.auth_seq_num 
_pdbx_poly_seq_scheme.pdb_mon_id 
_pdbx_poly_seq_scheme.auth_mon_id 
_pdbx_poly_seq_scheme.pdb_strand_id 
_pdbx_poly_seq_scheme.pdb_ins_code 
_pdbx_poly_seq_scheme.hetero 
A 1 1  MET 1  1  ?  ?   ?   A . n 
A 1 2  ALA 2  2  2  ALA ALA A . n 
A 1 3  SER 3  3  3  SER SER A . n 
A 1 4  ILE 4  4  4  ILE ILE A . n 
A 1 5  ALA 5  5  5  ALA ALA A . n 
A 1 6  THR 6  6  6  THR THR A . n 
A 1 7  LYS 7  7  7  LYS LYS A . n 
A 1 8  ASP 8  8  8  ASP ASP A . n 
A 1 9  SER 9  9  9  SER SER A . n 
A 1 10 ILE 10 10 10 ILE ILE A . n 
A 1 11 CYS 11 11 11 CYS CYS A . n 
A 1 12 SER 12 12 12 SER SER A . n 
A 1 13 GLY 13 13 13 GLY GLY A . n 
A 1 14 HIS 14 14 14 HIS HIS A . n 
A 1 15 GLY 15 15 15 GLY GLY A . n 
A 1 16 GLY 16 16 16 GLY GLY A . n 
A 1 17 PHE 17 17 17 PHE PHE A . n 
A 1 18 PRO 18 18 18 PRO PRO A . n 
A 1 19 SER 19 19 19 SER SER A . n 
A 1 20 ARG 20 20 20 ARG ARG A . n 
A 1 21 PRO 21 21 21 PRO PRO A . n 
A 1 22 PRO 22 22 22 PRO PRO A . n 
A 1 23 VAL 23 23 23 VAL VAL A . n 
A 1 24 GLU 24 24 24 GLU GLU A . n 
A 1 25 SER 25 25 25 SER SER A . n 
A 1 26 GLU 26 26 26 GLU GLU A . n 
A 1 27 PRO 27 27 27 PRO PRO A . n 
A 1 28 LEU 28 28 28 LEU LEU A . n 
A 1 29 LEU 29 29 29 LEU LEU A . n 
A 1 30 LYS 30 30 30 LYS LYS A . n 
A 1 31 VAL 31 31 31 VAL VAL A . n 
A 1 32 ASN 32 32 32 ASN ASN A . n 
A 1 33 GLY 33 33 33 GLY GLY A . n 
A 1 34 VAL 34 34 34 VAL VAL A . n 
A 1 35 GLU 35 35 35 GLU GLU A . n 
A 1 36 VAL 36 36 36 VAL VAL A . n 
A 1 37 LEU 37 37 37 LEU LEU A . n 
A 1 38 VAL 38 38 38 VAL VAL A . n 
A 1 39 ASP 39 39 39 ASP ASP A . n 
A 1 40 GLY 40 40 40 GLY GLY A . n 
A 1 41 LYS 41 41 41 LYS LYS A . n 
A 1 42 GLN 42 42 42 GLN GLN A . n 
A 1 43 TYR 43 43 43 TYR TYR A . n 
A 1 44 ALA 44 44 44 ALA ALA A . n 
A 1 45 GLN 45 45 45 GLN GLN A . n 
A 1 46 HIS 46 46 46 HIS HIS A . n 
A 1 47 THR 47 47 47 THR THR A . n 
A 1 48 ASP 48 48 48 ASP ASP A . n 
A 1 49 GLY 49 49 49 GLY GLY A . n 
A 1 50 ASN 50 50 50 ASN ASN A . n 
A 1 51 SER 51 51 51 SER SER A . n 
A 1 52 THR 52 52 52 THR THR A . n 
A 1 53 HIS 53 53 53 HIS HIS A . n 
A 1 54 GLY 54 54 54 GLY GLY A . n 
A 1 55 GLY 55 55 55 GLY GLY A . n 
A 1 56 GLN 56 56 56 GLN GLN A . n 
A 1 57 ALA 57 57 57 ALA ALA A . n 
A 1 58 ILE 58 58 58 ILE ILE A . n 
A 1 59 SER 59 59 59 SER SER A . n 
A 1 60 THR 60 60 60 THR THR A . n 
A 1 61 ARG 61 61 61 ARG ARG A . n 
A 1 62 ALA 62 62 62 ALA ALA A . n 
A 1 63 TRP 63 63 63 TRP TRP A . n 
A 1 64 PHE 64 64 64 PHE PHE A . n 
A 1 65 THR 65 65 65 THR THR A . n 
A 1 66 VAL 66 66 66 VAL VAL A . n 
A 1 67 ASN 67 67 67 ASN ASN A . n 
A 1 68 GLY 68 68 68 GLY GLY A . n 
A 1 69 LYS 69 69 69 LYS LYS A . n 
A 1 70 GLY 70 70 70 GLY GLY A . n 
A 1 71 ILE 71 71 71 ILE ILE A . n 
A 1 72 VAL 72 72 72 VAL VAL A . n 
A 1 73 CYS 73 73 73 CYS CYS A . n 
A 1 74 VAL 74 74 74 VAL VAL A . n 
A 1 75 GLY 75 75 75 GLY GLY A . n 
A 1 76 ASP 76 76 76 ASP ASP A . n 
A 1 77 PRO 77 77 77 PRO PRO A . n 
A 1 78 VAL 78 78 78 VAL VAL A . n 
A 1 79 SER 79 79 79 SER SER A . n 
A 1 80 CYS 80 80 80 CYS CYS A . n 
A 1 81 GLY 81 81 81 GLY GLY A . n 
A 1 82 SER 82 82 82 SER SER A . n 
A 1 83 THR 83 83 83 THR THR A . n 
A 1 84 VAL 84 84 84 VAL VAL A . n 
A 1 85 ALA 85 85 85 ALA ALA A . n 
A 1 86 ALA 86 86 86 ALA ALA A . n 
A 1 87 GLY 87 87 87 GLY GLY A . n 
A 1 88 ASP 88 88 88 ASP ASP A . n 
A 1 89 GLY 89 89 89 GLY GLY A . n 
A 1 90 LEU 90 90 90 LEU LEU A . n 
A 1 91 VAL 91 91 91 VAL VAL A . n 
A 1 92 GLN 92 92 92 GLN GLN A . n 
A 1 93 VAL 93 93 93 VAL VAL A . n 
A 1 94 SER 94 94 94 SER SER A . n 
# 
_cell.angle_alpha                  90.00 
_cell.angle_alpha_esd              ? 
_cell.angle_beta                   90.00 
_cell.angle_beta_esd               ? 
_cell.angle_gamma                  90.00 
_cell.angle_gamma_esd              ? 
_cell.entry_id                     9VYI 
_cell.details                      ? 
_cell.formula_units_Z              ? 
_cell.length_a                     1.00 
_cell.length_a_esd                 ? 
_cell.length_b                     1.00 
_cell.length_b_esd                 ? 
_cell.length_c                     1.00 
_cell.length_c_esd                 ? 
_cell.volume                       ? 
_cell.volume_esd                   ? 
_cell.Z_PDB                        ? 
_cell.reciprocal_angle_alpha       ? 
_cell.reciprocal_angle_beta        ? 
_cell.reciprocal_angle_gamma       ? 
_cell.reciprocal_angle_alpha_esd   ? 
_cell.reciprocal_angle_beta_esd    ? 
_cell.reciprocal_angle_gamma_esd   ? 
_cell.reciprocal_length_a          ? 
_cell.reciprocal_length_b          ? 
_cell.reciprocal_length_c          ? 
_cell.reciprocal_length_a_esd      ? 
_cell.reciprocal_length_b_esd      ? 
_cell.reciprocal_length_c_esd      ? 
_cell.pdbx_unique_axis             ? 
_cell.pdbx_esd_method              ? 
# 
_symmetry.entry_id                         9VYI 
_symmetry.cell_setting                     ? 
_symmetry.Int_Tables_number                1 
_symmetry.space_group_name_Hall            ? 
_symmetry.space_group_name_H-M             'P 1' 
_symmetry.pdbx_full_space_group_name_H-M   ? 
# 
_exptl.absorpt_coefficient_mu     ? 
_exptl.absorpt_correction_T_max   ? 
_exptl.absorpt_correction_T_min   ? 
_exptl.absorpt_correction_type    ? 
_exptl.absorpt_process_details    ? 
_exptl.entry_id                   9VYI 
_exptl.crystals_number            ? 
_exptl.details                    ? 
_exptl.method                     'ELECTRON MICROSCOPY' 
_exptl.method_details             ? 
# 
_refine.aniso_B[1][1]                            ? 
_refine.aniso_B[1][2]                            ? 
_refine.aniso_B[1][3]                            ? 
_refine.aniso_B[2][2]                            ? 
_refine.aniso_B[2][3]                            ? 
_refine.aniso_B[3][3]                            ? 
_refine.B_iso_max                                ? 
_refine.B_iso_mean                               ? 
_refine.B_iso_min                                ? 
_refine.correlation_coeff_Fo_to_Fc               ? 
_refine.correlation_coeff_Fo_to_Fc_free          ? 
_refine.details                                  ? 
_refine.diff_density_max                         ? 
_refine.diff_density_max_esd                     ? 
_refine.diff_density_min                         ? 
_refine.diff_density_min_esd                     ? 
_refine.diff_density_rms                         ? 
_refine.diff_density_rms_esd                     ? 
_refine.entry_id                                 9VYI 
_refine.pdbx_refine_id                           'ELECTRON MICROSCOPY' 
_refine.ls_abs_structure_details                 ? 
_refine.ls_abs_structure_Flack                   ? 
_refine.ls_abs_structure_Flack_esd               ? 
_refine.ls_abs_structure_Rogers                  ? 
_refine.ls_abs_structure_Rogers_esd              ? 
_refine.ls_d_res_high                            3.7 
_refine.ls_d_res_low                             ? 
_refine.ls_extinction_coef                       ? 
_refine.ls_extinction_coef_esd                   ? 
_refine.ls_extinction_expression                 ? 
_refine.ls_extinction_method                     ? 
_refine.ls_goodness_of_fit_all                   ? 
_refine.ls_goodness_of_fit_all_esd               ? 
_refine.ls_goodness_of_fit_obs                   ? 
_refine.ls_goodness_of_fit_obs_esd               ? 
_refine.ls_hydrogen_treatment                    ? 
_refine.ls_matrix_type                           ? 
_refine.ls_number_constraints                    ? 
_refine.ls_number_parameters                     ? 
_refine.ls_number_reflns_all                     ? 
_refine.ls_number_reflns_obs                     ? 
_refine.ls_number_reflns_R_free                  ? 
_refine.ls_number_reflns_R_work                  ? 
_refine.ls_number_restraints                     ? 
_refine.ls_percent_reflns_obs                    ? 
_refine.ls_percent_reflns_R_free                 ? 
_refine.ls_R_factor_all                          ? 
_refine.ls_R_factor_obs                          ? 
_refine.ls_R_factor_R_free                       ? 
_refine.ls_R_factor_R_free_error                 ? 
_refine.ls_R_factor_R_free_error_details         ? 
_refine.ls_R_factor_R_work                       ? 
_refine.ls_R_Fsqd_factor_obs                     ? 
_refine.ls_R_I_factor_obs                        ? 
_refine.ls_redundancy_reflns_all                 ? 
_refine.ls_redundancy_reflns_obs                 ? 
_refine.ls_restrained_S_all                      ? 
_refine.ls_restrained_S_obs                      ? 
_refine.ls_shift_over_esd_max                    ? 
_refine.ls_shift_over_esd_mean                   ? 
_refine.ls_structure_factor_coef                 ? 
_refine.ls_weighting_details                     ? 
_refine.ls_weighting_scheme                      ? 
_refine.ls_wR_factor_all                         ? 
_refine.ls_wR_factor_obs                         ? 
_refine.ls_wR_factor_R_free                      ? 
_refine.ls_wR_factor_R_work                      ? 
_refine.occupancy_max                            ? 
_refine.occupancy_min                            ? 
_refine.solvent_model_details                    ? 
_refine.solvent_model_param_bsol                 ? 
_refine.solvent_model_param_ksol                 ? 
_refine.correlation_coeff_I_to_Fcsqd_work        ? 
_refine.correlation_coeff_I_to_Fcsqd_free        ? 
_refine.pdbx_R_complete                          ? 
_refine.ls_R_factor_gt                           ? 
_refine.ls_goodness_of_fit_gt                    ? 
_refine.ls_goodness_of_fit_ref                   ? 
_refine.ls_shift_over_su_max                     ? 
_refine.ls_shift_over_su_max_lt                  ? 
_refine.ls_shift_over_su_mean                    ? 
_refine.ls_shift_over_su_mean_lt                 ? 
_refine.pdbx_ls_sigma_I                          ? 
_refine.pdbx_ls_sigma_F                          ? 
_refine.pdbx_ls_sigma_Fsqd                       ? 
_refine.pdbx_data_cutoff_high_absF               ? 
_refine.pdbx_data_cutoff_high_rms_absF           ? 
_refine.pdbx_data_cutoff_low_absF                ? 
_refine.pdbx_isotropic_thermal_model             ? 
_refine.pdbx_ls_cross_valid_method               ? 
_refine.pdbx_method_to_determine_struct          ? 
_refine.pdbx_starting_model                      ? 
_refine.pdbx_stereochemistry_target_values       'REAL-SPACE (WEIGHTED MAP SUM AT ATOM CENTERS)' 
_refine.pdbx_R_Free_selection_details            ? 
_refine.pdbx_stereochem_target_val_spec_case     ? 
_refine.pdbx_overall_ESU_R                       ? 
_refine.pdbx_overall_ESU_R_Free                  ? 
_refine.pdbx_solvent_vdw_probe_radii             ? 
_refine.pdbx_solvent_ion_probe_radii             ? 
_refine.pdbx_solvent_shrinkage_radii             ? 
_refine.pdbx_real_space_R                        ? 
_refine.pdbx_density_correlation                 ? 
_refine.pdbx_pd_number_of_powder_patterns        ? 
_refine.pdbx_pd_number_of_points                 ? 
_refine.pdbx_pd_meas_number_of_points            ? 
_refine.pdbx_pd_proc_ls_prof_R_factor            ? 
_refine.pdbx_pd_proc_ls_prof_wR_factor           ? 
_refine.pdbx_pd_Marquardt_correlation_coeff      ? 
_refine.pdbx_pd_Fsqrd_R_factor                   ? 
_refine.pdbx_pd_ls_matrix_band_width             ? 
_refine.pdbx_overall_phase_error                 ? 
_refine.pdbx_overall_SU_R_free_Cruickshank_DPI   ? 
_refine.pdbx_overall_SU_R_free_Blow_DPI          ? 
_refine.pdbx_overall_SU_R_Blow_DPI               ? 
_refine.pdbx_TLS_residual_ADP_flag               ? 
_refine.pdbx_diffrn_id                           ? 
_refine.overall_SU_B                             ? 
_refine.overall_SU_ML                            ? 
_refine.overall_SU_R_Cruickshank_DPI             ? 
_refine.overall_SU_R_free                        ? 
_refine.overall_FOM_free_R_set                   ? 
_refine.overall_FOM_work_R_set                   ? 
_refine.pdbx_average_fsc_overall                 ? 
_refine.pdbx_average_fsc_work                    ? 
_refine.pdbx_average_fsc_free                    ? 
# 
loop_
_refine_ls_restr.pdbx_refine_id 
_refine_ls_restr.criterion 
_refine_ls_restr.dev_ideal 
_refine_ls_restr.dev_ideal_target 
_refine_ls_restr.number 
_refine_ls_restr.rejects 
_refine_ls_restr.type 
_refine_ls_restr.weight 
_refine_ls_restr.pdbx_Zscore 
_refine_ls_restr.pdbx_restraint_function 
'ELECTRON MICROSCOPY' ? 0.002 ? 670 ? f_bond_d           ? ? ? 
'ELECTRON MICROSCOPY' ? 0.448 ? 912 ? f_angle_d          ? ? ? 
'ELECTRON MICROSCOPY' ? 4.868 ? 96  ? f_dihedral_angle_d ? ? ? 
'ELECTRON MICROSCOPY' ? 0.047 ? 105 ? f_chiral_restr     ? ? ? 
'ELECTRON MICROSCOPY' ? 0.006 ? 122 ? f_plane_restr      ? ? ? 
# 
_struct.entry_id                     9VYI 
_struct.title                        'Cryo-EM structure of bacteriophage P1 baseplate in C1' 
_struct.pdbx_model_details           ? 
_struct.pdbx_formula_weight          ? 
_struct.pdbx_formula_weight_method   ? 
_struct.pdbx_model_type_details      ? 
_struct.pdbx_CASP_flag               N 
# 
_struct_keywords.entry_id        9VYI 
_struct_keywords.text            'baseplate, phage, VIRAL PROTEIN' 
_struct_keywords.pdbx_keywords   'VIRAL PROTEIN' 
# 
_struct_asym.id                            A 
_struct_asym.pdbx_blank_PDB_chainid_flag   N 
_struct_asym.pdbx_modified                 N 
_struct_asym.entity_id                     1 
_struct_asym.details                       ? 
# 
_struct_ref.id                         1 
_struct_ref.db_name                    UNP 
_struct_ref.db_code                    Q71TL3_BPP1 
_struct_ref.pdbx_db_accession          Q71TL3 
_struct_ref.pdbx_db_isoform            ? 
_struct_ref.entity_id                  1 
_struct_ref.pdbx_seq_one_letter_code   
;MASIATKDSICSGHGGFPSRPPVESEPLLKVNGVEVLVDGKQYAQHTDGNSTHGGQAISTRAWFTVNGKGIVCVGDPVSC
GSTVAAGDGLVQVS
;
_struct_ref.pdbx_align_begin           1 
# 
_struct_ref_seq.align_id                      1 
_struct_ref_seq.ref_id                        1 
_struct_ref_seq.pdbx_PDB_id_code              9VYI 
_struct_ref_seq.pdbx_strand_id                A 
_struct_ref_seq.seq_align_beg                 1 
_struct_ref_seq.pdbx_seq_align_beg_ins_code   ? 
_struct_ref_seq.seq_align_end                 94 
_struct_ref_seq.pdbx_seq_align_end_ins_code   ? 
_struct_ref_seq.pdbx_db_accession             Q71TL3 
_struct_ref_seq.db_align_beg                  1 
_struct_ref_seq.pdbx_db_align_beg_ins_code    ? 
_struct_ref_seq.db_align_end                  94 
_struct_ref_seq.pdbx_db_align_end_ins_code    ? 
_struct_ref_seq.pdbx_auth_seq_align_beg       1 
_struct_ref_seq.pdbx_auth_seq_align_end       94 
# 
_pdbx_struct_assembly.id                   1 
_pdbx_struct_assembly.details              author_defined_assembly 
_pdbx_struct_assembly.method_details       ? 
_pdbx_struct_assembly.oligomeric_details   monomeric 
_pdbx_struct_assembly.oligomeric_count     1 
# 
_pdbx_struct_assembly_gen.assembly_id       1 
_pdbx_struct_assembly_gen.oper_expression   1 
_pdbx_struct_assembly_gen.asym_id_list      A 
# 
_pdbx_struct_assembly_auth_evidence.id                     1 
_pdbx_struct_assembly_auth_evidence.assembly_id            1 
_pdbx_struct_assembly_auth_evidence.experimental_support   'electron microscopy' 
_pdbx_struct_assembly_auth_evidence.details                'not applicable' 
# 
_pdbx_struct_oper_list.id                   1 
_pdbx_struct_oper_list.type                 'identity operation' 
_pdbx_struct_oper_list.name                 1_555 
_pdbx_struct_oper_list.symmetry_operation   ? 
_pdbx_struct_oper_list.matrix[1][1]         1.0000000000 
_pdbx_struct_oper_list.matrix[1][2]         0.0000000000 
_pdbx_struct_oper_list.matrix[1][3]         0.0000000000 
_pdbx_struct_oper_list.vector[1]            0.0000000000 
_pdbx_struct_oper_list.matrix[2][1]         0.0000000000 
_pdbx_struct_oper_list.matrix[2][2]         1.0000000000 
_pdbx_struct_oper_list.matrix[2][3]         0.0000000000 
_pdbx_struct_oper_list.vector[2]            0.0000000000 
_pdbx_struct_oper_list.matrix[3][1]         0.0000000000 
_pdbx_struct_oper_list.matrix[3][2]         0.0000000000 
_pdbx_struct_oper_list.matrix[3][3]         1.0000000000 
_pdbx_struct_oper_list.vector[3]            0.0000000000 
# 
loop_
_struct_sheet.id 
_struct_sheet.type 
_struct_sheet.number_strands 
_struct_sheet.details 
AA1 ? 2 ? 
AA2 ? 2 ? 
AA3 ? 2 ? 
AA4 ? 2 ? 
# 
loop_
_struct_sheet_order.sheet_id 
_struct_sheet_order.range_id_1 
_struct_sheet_order.range_id_2 
_struct_sheet_order.offset 
_struct_sheet_order.sense 
AA1 1 2 ? anti-parallel 
AA2 1 2 ? anti-parallel 
AA3 1 2 ? anti-parallel 
AA4 1 2 ? anti-parallel 
# 
loop_
_struct_sheet_range.sheet_id 
_struct_sheet_range.id 
_struct_sheet_range.beg_label_comp_id 
_struct_sheet_range.beg_label_asym_id 
_struct_sheet_range.beg_label_seq_id 
_struct_sheet_range.pdbx_beg_PDB_ins_code 
_struct_sheet_range.end_label_comp_id 
_struct_sheet_range.end_label_asym_id 
_struct_sheet_range.end_label_seq_id 
_struct_sheet_range.pdbx_end_PDB_ins_code 
_struct_sheet_range.beg_auth_comp_id 
_struct_sheet_range.beg_auth_asym_id 
_struct_sheet_range.beg_auth_seq_id 
_struct_sheet_range.end_auth_comp_id 
_struct_sheet_range.end_auth_asym_id 
_struct_sheet_range.end_auth_seq_id 
AA1 1 SER A 3  ? ILE A 4  ? SER A 3  ILE A 4  
AA1 2 ASP A 88 ? GLN A 92 ? ASP A 88 GLN A 92 
AA2 1 GLU A 26 ? VAL A 31 ? GLU A 26 VAL A 31 
AA2 2 VAL A 34 ? VAL A 36 ? VAL A 34 VAL A 36 
AA3 1 HIS A 46 ? THR A 47 ? HIS A 46 THR A 47 
AA3 2 THR A 52 ? HIS A 53 ? THR A 52 HIS A 53 
AA4 1 ARG A 61 ? VAL A 66 ? ARG A 61 VAL A 66 
AA4 2 LYS A 69 ? ILE A 71 ? LYS A 69 ILE A 71 
# 
loop_
_pdbx_struct_sheet_hbond.sheet_id 
_pdbx_struct_sheet_hbond.range_id_1 
_pdbx_struct_sheet_hbond.range_id_2 
_pdbx_struct_sheet_hbond.range_1_label_atom_id 
_pdbx_struct_sheet_hbond.range_1_label_comp_id 
_pdbx_struct_sheet_hbond.range_1_label_asym_id 
_pdbx_struct_sheet_hbond.range_1_label_seq_id 
_pdbx_struct_sheet_hbond.range_1_PDB_ins_code 
_pdbx_struct_sheet_hbond.range_1_auth_atom_id 
_pdbx_struct_sheet_hbond.range_1_auth_comp_id 
_pdbx_struct_sheet_hbond.range_1_auth_asym_id 
_pdbx_struct_sheet_hbond.range_1_auth_seq_id 
_pdbx_struct_sheet_hbond.range_2_label_atom_id 
_pdbx_struct_sheet_hbond.range_2_label_comp_id 
_pdbx_struct_sheet_hbond.range_2_label_asym_id 
_pdbx_struct_sheet_hbond.range_2_label_seq_id 
_pdbx_struct_sheet_hbond.range_2_PDB_ins_code 
_pdbx_struct_sheet_hbond.range_2_auth_atom_id 
_pdbx_struct_sheet_hbond.range_2_auth_comp_id 
_pdbx_struct_sheet_hbond.range_2_auth_asym_id 
_pdbx_struct_sheet_hbond.range_2_auth_seq_id 
AA1 1 2 N ILE A 4  ? N ILE A 4  O ASP A 88 ? O ASP A 88 
AA2 1 2 N VAL A 31 ? N VAL A 31 O VAL A 34 ? O VAL A 34 
AA3 1 2 N HIS A 46 ? N HIS A 46 O HIS A 53 ? O HIS A 53 
AA4 1 2 N VAL A 66 ? N VAL A 66 O LYS A 69 ? O LYS A 69 
# 
_pdbx_entry_details.entry_id                   9VYI 
_pdbx_entry_details.compound_details           ? 
_pdbx_entry_details.source_details             ? 
_pdbx_entry_details.nonpolymer_details         ? 
_pdbx_entry_details.sequence_details           ? 
_pdbx_entry_details.has_ligand_of_interest     ? 
_pdbx_entry_details.has_protein_modification   N 
# 
_pdbx_validate_torsion.id              1 
_pdbx_validate_torsion.PDB_model_num   1 
_pdbx_validate_torsion.auth_comp_id    CYS 
_pdbx_validate_torsion.auth_asym_id    A 
_pdbx_validate_torsion.auth_seq_id     73 
_pdbx_validate_torsion.PDB_ins_code    ? 
_pdbx_validate_torsion.label_alt_id    ? 
_pdbx_validate_torsion.phi             -128.07 
_pdbx_validate_torsion.psi             -168.57 
# 
_em_3d_fitting.id                1 
_em_3d_fitting.entry_id          9VYI 
_em_3d_fitting.method            ? 
_em_3d_fitting.target_criteria   ? 
_em_3d_fitting.details           ? 
_em_3d_fitting.overall_b_value   ? 
_em_3d_fitting.ref_space         ? 
_em_3d_fitting.ref_protocol      ? 
# 
_em_3d_reconstruction.entry_id                    9VYI 
_em_3d_reconstruction.id                          1 
_em_3d_reconstruction.method                      ? 
_em_3d_reconstruction.algorithm                   ? 
_em_3d_reconstruction.citation_id                 ? 
_em_3d_reconstruction.details                     ? 
_em_3d_reconstruction.resolution                  3.7 
_em_3d_reconstruction.resolution_method           'FSC 0.143 CUT-OFF' 
_em_3d_reconstruction.magnification_calibration   ? 
_em_3d_reconstruction.nominal_pixel_size          ? 
_em_3d_reconstruction.actual_pixel_size           ? 
_em_3d_reconstruction.num_particles               30339 
_em_3d_reconstruction.euler_angles_details        ? 
_em_3d_reconstruction.num_class_averages          ? 
_em_3d_reconstruction.refinement_type             ? 
_em_3d_reconstruction.image_processing_id         1 
_em_3d_reconstruction.symmetry_type               POINT 
# 
_em_buffer.id            1 
_em_buffer.specimen_id   1 
_em_buffer.name          ? 
_em_buffer.details       ? 
_em_buffer.pH            7.4 
# 
_em_entity_assembly.id                   1 
_em_entity_assembly.parent_id            0 
_em_entity_assembly.source               NATURAL 
_em_entity_assembly.type                 COMPLEX 
_em_entity_assembly.name                 'Escherichia phage P1' 
_em_entity_assembly.details              ? 
_em_entity_assembly.synonym              ? 
_em_entity_assembly.oligomeric_details   ? 
_em_entity_assembly.entity_id_list       1 
# 
_em_imaging.entry_id                        9VYI 
_em_imaging.id                              1 
_em_imaging.astigmatism                     ? 
_em_imaging.electron_beam_tilt_params       ? 
_em_imaging.residual_tilt                   ? 
_em_imaging.microscope_model                'TFS KRIOS' 
_em_imaging.specimen_holder_type            ? 
_em_imaging.specimen_holder_model           ? 
_em_imaging.details                         ? 
_em_imaging.date                            ? 
_em_imaging.accelerating_voltage            300 
_em_imaging.illumination_mode               'FLOOD BEAM' 
_em_imaging.mode                            'BRIGHT FIELD' 
_em_imaging.nominal_cs                      ? 
_em_imaging.nominal_defocus_min             1800 
_em_imaging.nominal_defocus_max             2200 
_em_imaging.calibrated_defocus_min          ? 
_em_imaging.calibrated_defocus_max          ? 
_em_imaging.tilt_angle_min                  ? 
_em_imaging.tilt_angle_max                  ? 
_em_imaging.nominal_magnification           ? 
_em_imaging.calibrated_magnification        ? 
_em_imaging.electron_source                 'FIELD EMISSION GUN' 
_em_imaging.citation_id                     ? 
_em_imaging.temperature                     ? 
_em_imaging.detector_distance               ? 
_em_imaging.recording_temperature_minimum   ? 
_em_imaging.recording_temperature_maximum   ? 
_em_imaging.alignment_procedure             ? 
_em_imaging.c2_aperture_diameter            ? 
_em_imaging.specimen_id                     1 
_em_imaging.cryogen                         ? 
_em_imaging.objective_aperture              ? 
_em_imaging.microscope_serial_number        ? 
_em_imaging.microscope_version              ? 
# 
_em_vitrification.entry_id              9VYI 
_em_vitrification.id                    1 
_em_vitrification.specimen_id           1 
_em_vitrification.cryogen_name          ETHANE 
_em_vitrification.humidity              ? 
_em_vitrification.temp                  ? 
_em_vitrification.chamber_temperature   ? 
_em_vitrification.instrument            ? 
_em_vitrification.method                ? 
_em_vitrification.time_resolved_state   ? 
_em_vitrification.citation_id           ? 
_em_vitrification.details               ? 
# 
_em_experiment.entry_id                9VYI 
_em_experiment.id                      1 
_em_experiment.reconstruction_method   'SINGLE PARTICLE' 
_em_experiment.aggregation_state       PARTICLE 
_em_experiment.entity_assembly_id      1 
# 
_pdbx_unobs_or_zero_occ_residues.id               1 
_pdbx_unobs_or_zero_occ_residues.PDB_model_num    1 
_pdbx_unobs_or_zero_occ_residues.polymer_flag     Y 
_pdbx_unobs_or_zero_occ_residues.occupancy_flag   1 
_pdbx_unobs_or_zero_occ_residues.auth_asym_id     A 
_pdbx_unobs_or_zero_occ_residues.auth_comp_id     MET 
_pdbx_unobs_or_zero_occ_residues.auth_seq_id      1 
_pdbx_unobs_or_zero_occ_residues.PDB_ins_code     ? 
_pdbx_unobs_or_zero_occ_residues.label_asym_id    A 
_pdbx_unobs_or_zero_occ_residues.label_comp_id    MET 
_pdbx_unobs_or_zero_occ_residues.label_seq_id     1 
# 
loop_
_chem_comp_atom.comp_id 
_chem_comp_atom.atom_id 
_chem_comp_atom.type_symbol 
_chem_comp_atom.pdbx_aromatic_flag 
_chem_comp_atom.pdbx_stereo_config 
_chem_comp_atom.pdbx_ordinal 
ALA N    N N N 1   
ALA CA   C N S 2   
ALA C    C N N 3   
ALA O    O N N 4   
ALA CB   C N N 5   
ALA OXT  O N N 6   
ALA H    H N N 7   
ALA H2   H N N 8   
ALA HA   H N N 9   
ALA HB1  H N N 10  
ALA HB2  H N N 11  
ALA HB3  H N N 12  
ALA HXT  H N N 13  
ARG N    N N N 14  
ARG CA   C N S 15  
ARG C    C N N 16  
ARG O    O N N 17  
ARG CB   C N N 18  
ARG CG   C N N 19  
ARG CD   C N N 20  
ARG NE   N N N 21  
ARG CZ   C N N 22  
ARG NH1  N N N 23  
ARG NH2  N N N 24  
ARG OXT  O N N 25  
ARG H    H N N 26  
ARG H2   H N N 27  
ARG HA   H N N 28  
ARG HB2  H N N 29  
ARG HB3  H N N 30  
ARG HG2  H N N 31  
ARG HG3  H N N 32  
ARG HD2  H N N 33  
ARG HD3  H N N 34  
ARG HE   H N N 35  
ARG HH11 H N N 36  
ARG HH12 H N N 37  
ARG HH21 H N N 38  
ARG HH22 H N N 39  
ARG HXT  H N N 40  
ASN N    N N N 41  
ASN CA   C N S 42  
ASN C    C N N 43  
ASN O    O N N 44  
ASN CB   C N N 45  
ASN CG   C N N 46  
ASN OD1  O N N 47  
ASN ND2  N N N 48  
ASN OXT  O N N 49  
ASN H    H N N 50  
ASN H2   H N N 51  
ASN HA   H N N 52  
ASN HB2  H N N 53  
ASN HB3  H N N 54  
ASN HD21 H N N 55  
ASN HD22 H N N 56  
ASN HXT  H N N 57  
ASP N    N N N 58  
ASP CA   C N S 59  
ASP C    C N N 60  
ASP O    O N N 61  
ASP CB   C N N 62  
ASP CG   C N N 63  
ASP OD1  O N N 64  
ASP OD2  O N N 65  
ASP OXT  O N N 66  
ASP H    H N N 67  
ASP H2   H N N 68  
ASP HA   H N N 69  
ASP HB2  H N N 70  
ASP HB3  H N N 71  
ASP HD2  H N N 72  
ASP HXT  H N N 73  
CYS N    N N N 74  
CYS CA   C N R 75  
CYS C    C N N 76  
CYS O    O N N 77  
CYS CB   C N N 78  
CYS SG   S N N 79  
CYS OXT  O N N 80  
CYS H    H N N 81  
CYS H2   H N N 82  
CYS HA   H N N 83  
CYS HB2  H N N 84  
CYS HB3  H N N 85  
CYS HG   H N N 86  
CYS HXT  H N N 87  
GLN N    N N N 88  
GLN CA   C N S 89  
GLN C    C N N 90  
GLN O    O N N 91  
GLN CB   C N N 92  
GLN CG   C N N 93  
GLN CD   C N N 94  
GLN OE1  O N N 95  
GLN NE2  N N N 96  
GLN OXT  O N N 97  
GLN H    H N N 98  
GLN H2   H N N 99  
GLN HA   H N N 100 
GLN HB2  H N N 101 
GLN HB3  H N N 102 
GLN HG2  H N N 103 
GLN HG3  H N N 104 
GLN HE21 H N N 105 
GLN HE22 H N N 106 
GLN HXT  H N N 107 
GLU N    N N N 108 
GLU CA   C N S 109 
GLU C    C N N 110 
GLU O    O N N 111 
GLU CB   C N N 112 
GLU CG   C N N 113 
GLU CD   C N N 114 
GLU OE1  O N N 115 
GLU OE2  O N N 116 
GLU OXT  O N N 117 
GLU H    H N N 118 
GLU H2   H N N 119 
GLU HA   H N N 120 
GLU HB2  H N N 121 
GLU HB3  H N N 122 
GLU HG2  H N N 123 
GLU HG3  H N N 124 
GLU HE2  H N N 125 
GLU HXT  H N N 126 
GLY N    N N N 127 
GLY CA   C N N 128 
GLY C    C N N 129 
GLY O    O N N 130 
GLY OXT  O N N 131 
GLY H    H N N 132 
GLY H2   H N N 133 
GLY HA2  H N N 134 
GLY HA3  H N N 135 
GLY HXT  H N N 136 
HIS N    N N N 137 
HIS CA   C N S 138 
HIS C    C N N 139 
HIS O    O N N 140 
HIS CB   C N N 141 
HIS CG   C Y N 142 
HIS ND1  N Y N 143 
HIS CD2  C Y N 144 
HIS CE1  C Y N 145 
HIS NE2  N Y N 146 
HIS OXT  O N N 147 
HIS H    H N N 148 
HIS H2   H N N 149 
HIS HA   H N N 150 
HIS HB2  H N N 151 
HIS HB3  H N N 152 
HIS HD1  H N N 153 
HIS HD2  H N N 154 
HIS HE1  H N N 155 
HIS HE2  H N N 156 
HIS HXT  H N N 157 
ILE N    N N N 158 
ILE CA   C N S 159 
ILE C    C N N 160 
ILE O    O N N 161 
ILE CB   C N S 162 
ILE CG1  C N N 163 
ILE CG2  C N N 164 
ILE CD1  C N N 165 
ILE OXT  O N N 166 
ILE H    H N N 167 
ILE H2   H N N 168 
ILE HA   H N N 169 
ILE HB   H N N 170 
ILE HG12 H N N 171 
ILE HG13 H N N 172 
ILE HG21 H N N 173 
ILE HG22 H N N 174 
ILE HG23 H N N 175 
ILE HD11 H N N 176 
ILE HD12 H N N 177 
ILE HD13 H N N 178 
ILE HXT  H N N 179 
LEU N    N N N 180 
LEU CA   C N S 181 
LEU C    C N N 182 
LEU O    O N N 183 
LEU CB   C N N 184 
LEU CG   C N N 185 
LEU CD1  C N N 186 
LEU CD2  C N N 187 
LEU OXT  O N N 188 
LEU H    H N N 189 
LEU H2   H N N 190 
LEU HA   H N N 191 
LEU HB2  H N N 192 
LEU HB3  H N N 193 
LEU HG   H N N 194 
LEU HD11 H N N 195 
LEU HD12 H N N 196 
LEU HD13 H N N 197 
LEU HD21 H N N 198 
LEU HD22 H N N 199 
LEU HD23 H N N 200 
LEU HXT  H N N 201 
LYS N    N N N 202 
LYS CA   C N S 203 
LYS C    C N N 204 
LYS O    O N N 205 
LYS CB   C N N 206 
LYS CG   C N N 207 
LYS CD   C N N 208 
LYS CE   C N N 209 
LYS NZ   N N N 210 
LYS OXT  O N N 211 
LYS H    H N N 212 
LYS H2   H N N 213 
LYS HA   H N N 214 
LYS HB2  H N N 215 
LYS HB3  H N N 216 
LYS HG2  H N N 217 
LYS HG3  H N N 218 
LYS HD2  H N N 219 
LYS HD3  H N N 220 
LYS HE2  H N N 221 
LYS HE3  H N N 222 
LYS HZ1  H N N 223 
LYS HZ2  H N N 224 
LYS HZ3  H N N 225 
LYS HXT  H N N 226 
MET N    N N N 227 
MET CA   C N S 228 
MET C    C N N 229 
MET O    O N N 230 
MET CB   C N N 231 
MET CG   C N N 232 
MET SD   S N N 233 
MET CE   C N N 234 
MET OXT  O N N 235 
MET H    H N N 236 
MET H2   H N N 237 
MET HA   H N N 238 
MET HB2  H N N 239 
MET HB3  H N N 240 
MET HG2  H N N 241 
MET HG3  H N N 242 
MET HE1  H N N 243 
MET HE2  H N N 244 
MET HE3  H N N 245 
MET HXT  H N N 246 
PHE N    N N N 247 
PHE CA   C N S 248 
PHE C    C N N 249 
PHE O    O N N 250 
PHE CB   C N N 251 
PHE CG   C Y N 252 
PHE CD1  C Y N 253 
PHE CD2  C Y N 254 
PHE CE1  C Y N 255 
PHE CE2  C Y N 256 
PHE CZ   C Y N 257 
PHE OXT  O N N 258 
PHE H    H N N 259 
PHE H2   H N N 260 
PHE HA   H N N 261 
PHE HB2  H N N 262 
PHE HB3  H N N 263 
PHE HD1  H N N 264 
PHE HD2  H N N 265 
PHE HE1  H N N 266 
PHE HE2  H N N 267 
PHE HZ   H N N 268 
PHE HXT  H N N 269 
PRO N    N N N 270 
PRO CA   C N S 271 
PRO C    C N N 272 
PRO O    O N N 273 
PRO CB   C N N 274 
PRO CG   C N N 275 
PRO CD   C N N 276 
PRO OXT  O N N 277 
PRO H    H N N 278 
PRO HA   H N N 279 
PRO HB2  H N N 280 
PRO HB3  H N N 281 
PRO HG2  H N N 282 
PRO HG3  H N N 283 
PRO HD2  H N N 284 
PRO HD3  H N N 285 
PRO HXT  H N N 286 
SER N    N N N 287 
SER CA   C N S 288 
SER C    C N N 289 
SER O    O N N 290 
SER CB   C N N 291 
SER OG   O N N 292 
SER OXT  O N N 293 
SER H    H N N 294 
SER H2   H N N 295 
SER HA   H N N 296 
SER HB2  H N N 297 
SER HB3  H N N 298 
SER HG   H N N 299 
SER HXT  H N N 300 
THR N    N N N 301 
THR CA   C N S 302 
THR C    C N N 303 
THR O    O N N 304 
THR CB   C N R 305 
THR OG1  O N N 306 
THR CG2  C N N 307 
THR OXT  O N N 308 
THR H    H N N 309 
THR H2   H N N 310 
THR HA   H N N 311 
THR HB   H N N 312 
THR HG1  H N N 313 
THR HG21 H N N 314 
THR HG22 H N N 315 
THR HG23 H N N 316 
THR HXT  H N N 317 
TRP N    N N N 318 
TRP CA   C N S 319 
TRP C    C N N 320 
TRP O    O N N 321 
TRP CB   C N N 322 
TRP CG   C Y N 323 
TRP CD1  C Y N 324 
TRP CD2  C Y N 325 
TRP NE1  N Y N 326 
TRP CE2  C Y N 327 
TRP CE3  C Y N 328 
TRP CZ2  C Y N 329 
TRP CZ3  C Y N 330 
TRP CH2  C Y N 331 
TRP OXT  O N N 332 
TRP H    H N N 333 
TRP H2   H N N 334 
TRP HA   H N N 335 
TRP HB2  H N N 336 
TRP HB3  H N N 337 
TRP HD1  H N N 338 
TRP HE1  H N N 339 
TRP HE3  H N N 340 
TRP HZ2  H N N 341 
TRP HZ3  H N N 342 
TRP HH2  H N N 343 
TRP HXT  H N N 344 
TYR N    N N N 345 
TYR CA   C N S 346 
TYR C    C N N 347 
TYR O    O N N 348 
TYR CB   C N N 349 
TYR CG   C Y N 350 
TYR CD1  C Y N 351 
TYR CD2  C Y N 352 
TYR CE1  C Y N 353 
TYR CE2  C Y N 354 
TYR CZ   C Y N 355 
TYR OH   O N N 356 
TYR OXT  O N N 357 
TYR H    H N N 358 
TYR H2   H N N 359 
TYR HA   H N N 360 
TYR HB2  H N N 361 
TYR HB3  H N N 362 
TYR HD1  H N N 363 
TYR HD2  H N N 364 
TYR HE1  H N N 365 
TYR HE2  H N N 366 
TYR HH   H N N 367 
TYR HXT  H N N 368 
VAL N    N N N 369 
VAL CA   C N S 370 
VAL C    C N N 371 
VAL O    O N N 372 
VAL CB   C N N 373 
VAL CG1  C N N 374 
VAL CG2  C N N 375 
VAL OXT  O N N 376 
VAL H    H N N 377 
VAL H2   H N N 378 
VAL HA   H N N 379 
VAL HB   H N N 380 
VAL HG11 H N N 381 
VAL HG12 H N N 382 
VAL HG13 H N N 383 
VAL HG21 H N N 384 
VAL HG22 H N N 385 
VAL HG23 H N N 386 
VAL HXT  H N N 387 
# 
loop_
_chem_comp_bond.comp_id 
_chem_comp_bond.atom_id_1 
_chem_comp_bond.atom_id_2 
_chem_comp_bond.value_order 
_chem_comp_bond.pdbx_aromatic_flag 
_chem_comp_bond.pdbx_stereo_config 
_chem_comp_bond.pdbx_ordinal 
ALA N   CA   sing N N 1   
ALA N   H    sing N N 2   
ALA N   H2   sing N N 3   
ALA CA  C    sing N N 4   
ALA CA  CB   sing N N 5   
ALA CA  HA   sing N N 6   
ALA C   O    doub N N 7   
ALA C   OXT  sing N N 8   
ALA CB  HB1  sing N N 9   
ALA CB  HB2  sing N N 10  
ALA CB  HB3  sing N N 11  
ALA OXT HXT  sing N N 12  
ARG N   CA   sing N N 13  
ARG N   H    sing N N 14  
ARG N   H2   sing N N 15  
ARG CA  C    sing N N 16  
ARG CA  CB   sing N N 17  
ARG CA  HA   sing N N 18  
ARG C   O    doub N N 19  
ARG C   OXT  sing N N 20  
ARG CB  CG   sing N N 21  
ARG CB  HB2  sing N N 22  
ARG CB  HB3  sing N N 23  
ARG CG  CD   sing N N 24  
ARG CG  HG2  sing N N 25  
ARG CG  HG3  sing N N 26  
ARG CD  NE   sing N N 27  
ARG CD  HD2  sing N N 28  
ARG CD  HD3  sing N N 29  
ARG NE  CZ   sing N N 30  
ARG NE  HE   sing N N 31  
ARG CZ  NH1  sing N N 32  
ARG CZ  NH2  doub N N 33  
ARG NH1 HH11 sing N N 34  
ARG NH1 HH12 sing N N 35  
ARG NH2 HH21 sing N N 36  
ARG NH2 HH22 sing N N 37  
ARG OXT HXT  sing N N 38  
ASN N   CA   sing N N 39  
ASN N   H    sing N N 40  
ASN N   H2   sing N N 41  
ASN CA  C    sing N N 42  
ASN CA  CB   sing N N 43  
ASN CA  HA   sing N N 44  
ASN C   O    doub N N 45  
ASN C   OXT  sing N N 46  
ASN CB  CG   sing N N 47  
ASN CB  HB2  sing N N 48  
ASN CB  HB3  sing N N 49  
ASN CG  OD1  doub N N 50  
ASN CG  ND2  sing N N 51  
ASN ND2 HD21 sing N N 52  
ASN ND2 HD22 sing N N 53  
ASN OXT HXT  sing N N 54  
ASP N   CA   sing N N 55  
ASP N   H    sing N N 56  
ASP N   H2   sing N N 57  
ASP CA  C    sing N N 58  
ASP CA  CB   sing N N 59  
ASP CA  HA   sing N N 60  
ASP C   O    doub N N 61  
ASP C   OXT  sing N N 62  
ASP CB  CG   sing N N 63  
ASP CB  HB2  sing N N 64  
ASP CB  HB3  sing N N 65  
ASP CG  OD1  doub N N 66  
ASP CG  OD2  sing N N 67  
ASP OD2 HD2  sing N N 68  
ASP OXT HXT  sing N N 69  
CYS N   CA   sing N N 70  
CYS N   H    sing N N 71  
CYS N   H2   sing N N 72  
CYS CA  C    sing N N 73  
CYS CA  CB   sing N N 74  
CYS CA  HA   sing N N 75  
CYS C   O    doub N N 76  
CYS C   OXT  sing N N 77  
CYS CB  SG   sing N N 78  
CYS CB  HB2  sing N N 79  
CYS CB  HB3  sing N N 80  
CYS SG  HG   sing N N 81  
CYS OXT HXT  sing N N 82  
GLN N   CA   sing N N 83  
GLN N   H    sing N N 84  
GLN N   H2   sing N N 85  
GLN CA  C    sing N N 86  
GLN CA  CB   sing N N 87  
GLN CA  HA   sing N N 88  
GLN C   O    doub N N 89  
GLN C   OXT  sing N N 90  
GLN CB  CG   sing N N 91  
GLN CB  HB2  sing N N 92  
GLN CB  HB3  sing N N 93  
GLN CG  CD   sing N N 94  
GLN CG  HG2  sing N N 95  
GLN CG  HG3  sing N N 96  
GLN CD  OE1  doub N N 97  
GLN CD  NE2  sing N N 98  
GLN NE2 HE21 sing N N 99  
GLN NE2 HE22 sing N N 100 
GLN OXT HXT  sing N N 101 
GLU N   CA   sing N N 102 
GLU N   H    sing N N 103 
GLU N   H2   sing N N 104 
GLU CA  C    sing N N 105 
GLU CA  CB   sing N N 106 
GLU CA  HA   sing N N 107 
GLU C   O    doub N N 108 
GLU C   OXT  sing N N 109 
GLU CB  CG   sing N N 110 
GLU CB  HB2  sing N N 111 
GLU CB  HB3  sing N N 112 
GLU CG  CD   sing N N 113 
GLU CG  HG2  sing N N 114 
GLU CG  HG3  sing N N 115 
GLU CD  OE1  doub N N 116 
GLU CD  OE2  sing N N 117 
GLU OE2 HE2  sing N N 118 
GLU OXT HXT  sing N N 119 
GLY N   CA   sing N N 120 
GLY N   H    sing N N 121 
GLY N   H2   sing N N 122 
GLY CA  C    sing N N 123 
GLY CA  HA2  sing N N 124 
GLY CA  HA3  sing N N 125 
GLY C   O    doub N N 126 
GLY C   OXT  sing N N 127 
GLY OXT HXT  sing N N 128 
HIS N   CA   sing N N 129 
HIS N   H    sing N N 130 
HIS N   H2   sing N N 131 
HIS CA  C    sing N N 132 
HIS CA  CB   sing N N 133 
HIS CA  HA   sing N N 134 
HIS C   O    doub N N 135 
HIS C   OXT  sing N N 136 
HIS CB  CG   sing N N 137 
HIS CB  HB2  sing N N 138 
HIS CB  HB3  sing N N 139 
HIS CG  ND1  sing Y N 140 
HIS CG  CD2  doub Y N 141 
HIS ND1 CE1  doub Y N 142 
HIS ND1 HD1  sing N N 143 
HIS CD2 NE2  sing Y N 144 
HIS CD2 HD2  sing N N 145 
HIS CE1 NE2  sing Y N 146 
HIS CE1 HE1  sing N N 147 
HIS NE2 HE2  sing N N 148 
HIS OXT HXT  sing N N 149 
ILE N   CA   sing N N 150 
ILE N   H    sing N N 151 
ILE N   H2   sing N N 152 
ILE CA  C    sing N N 153 
ILE CA  CB   sing N N 154 
ILE CA  HA   sing N N 155 
ILE C   O    doub N N 156 
ILE C   OXT  sing N N 157 
ILE CB  CG1  sing N N 158 
ILE CB  CG2  sing N N 159 
ILE CB  HB   sing N N 160 
ILE CG1 CD1  sing N N 161 
ILE CG1 HG12 sing N N 162 
ILE CG1 HG13 sing N N 163 
ILE CG2 HG21 sing N N 164 
ILE CG2 HG22 sing N N 165 
ILE CG2 HG23 sing N N 166 
ILE CD1 HD11 sing N N 167 
ILE CD1 HD12 sing N N 168 
ILE CD1 HD13 sing N N 169 
ILE OXT HXT  sing N N 170 
LEU N   CA   sing N N 171 
LEU N   H    sing N N 172 
LEU N   H2   sing N N 173 
LEU CA  C    sing N N 174 
LEU CA  CB   sing N N 175 
LEU CA  HA   sing N N 176 
LEU C   O    doub N N 177 
LEU C   OXT  sing N N 178 
LEU CB  CG   sing N N 179 
LEU CB  HB2  sing N N 180 
LEU CB  HB3  sing N N 181 
LEU CG  CD1  sing N N 182 
LEU CG  CD2  sing N N 183 
LEU CG  HG   sing N N 184 
LEU CD1 HD11 sing N N 185 
LEU CD1 HD12 sing N N 186 
LEU CD1 HD13 sing N N 187 
LEU CD2 HD21 sing N N 188 
LEU CD2 HD22 sing N N 189 
LEU CD2 HD23 sing N N 190 
LEU OXT HXT  sing N N 191 
LYS N   CA   sing N N 192 
LYS N   H    sing N N 193 
LYS N   H2   sing N N 194 
LYS CA  C    sing N N 195 
LYS CA  CB   sing N N 196 
LYS CA  HA   sing N N 197 
LYS C   O    doub N N 198 
LYS C   OXT  sing N N 199 
LYS CB  CG   sing N N 200 
LYS CB  HB2  sing N N 201 
LYS CB  HB3  sing N N 202 
LYS CG  CD   sing N N 203 
LYS CG  HG2  sing N N 204 
LYS CG  HG3  sing N N 205 
LYS CD  CE   sing N N 206 
LYS CD  HD2  sing N N 207 
LYS CD  HD3  sing N N 208 
LYS CE  NZ   sing N N 209 
LYS CE  HE2  sing N N 210 
LYS CE  HE3  sing N N 211 
LYS NZ  HZ1  sing N N 212 
LYS NZ  HZ2  sing N N 213 
LYS NZ  HZ3  sing N N 214 
LYS OXT HXT  sing N N 215 
MET N   CA   sing N N 216 
MET N   H    sing N N 217 
MET N   H2   sing N N 218 
MET CA  C    sing N N 219 
MET CA  CB   sing N N 220 
MET CA  HA   sing N N 221 
MET C   O    doub N N 222 
MET C   OXT  sing N N 223 
MET CB  CG   sing N N 224 
MET CB  HB2  sing N N 225 
MET CB  HB3  sing N N 226 
MET CG  SD   sing N N 227 
MET CG  HG2  sing N N 228 
MET CG  HG3  sing N N 229 
MET SD  CE   sing N N 230 
MET CE  HE1  sing N N 231 
MET CE  HE2  sing N N 232 
MET CE  HE3  sing N N 233 
MET OXT HXT  sing N N 234 
PHE N   CA   sing N N 235 
PHE N   H    sing N N 236 
PHE N   H2   sing N N 237 
PHE CA  C    sing N N 238 
PHE CA  CB   sing N N 239 
PHE CA  HA   sing N N 240 
PHE C   O    doub N N 241 
PHE C   OXT  sing N N 242 
PHE CB  CG   sing N N 243 
PHE CB  HB2  sing N N 244 
PHE CB  HB3  sing N N 245 
PHE CG  CD1  doub Y N 246 
PHE CG  CD2  sing Y N 247 
PHE CD1 CE1  sing Y N 248 
PHE CD1 HD1  sing N N 249 
PHE CD2 CE2  doub Y N 250 
PHE CD2 HD2  sing N N 251 
PHE CE1 CZ   doub Y N 252 
PHE CE1 HE1  sing N N 253 
PHE CE2 CZ   sing Y N 254 
PHE CE2 HE2  sing N N 255 
PHE CZ  HZ   sing N N 256 
PHE OXT HXT  sing N N 257 
PRO N   CA   sing N N 258 
PRO N   CD   sing N N 259 
PRO N   H    sing N N 260 
PRO CA  C    sing N N 261 
PRO CA  CB   sing N N 262 
PRO CA  HA   sing N N 263 
PRO C   O    doub N N 264 
PRO C   OXT  sing N N 265 
PRO CB  CG   sing N N 266 
PRO CB  HB2  sing N N 267 
PRO CB  HB3  sing N N 268 
PRO CG  CD   sing N N 269 
PRO CG  HG2  sing N N 270 
PRO CG  HG3  sing N N 271 
PRO CD  HD2  sing N N 272 
PRO CD  HD3  sing N N 273 
PRO OXT HXT  sing N N 274 
SER N   CA   sing N N 275 
SER N   H    sing N N 276 
SER N   H2   sing N N 277 
SER CA  C    sing N N 278 
SER CA  CB   sing N N 279 
SER CA  HA   sing N N 280 
SER C   O    doub N N 281 
SER C   OXT  sing N N 282 
SER CB  OG   sing N N 283 
SER CB  HB2  sing N N 284 
SER CB  HB3  sing N N 285 
SER OG  HG   sing N N 286 
SER OXT HXT  sing N N 287 
THR N   CA   sing N N 288 
THR N   H    sing N N 289 
THR N   H2   sing N N 290 
THR CA  C    sing N N 291 
THR CA  CB   sing N N 292 
THR CA  HA   sing N N 293 
THR C   O    doub N N 294 
THR C   OXT  sing N N 295 
THR CB  OG1  sing N N 296 
THR CB  CG2  sing N N 297 
THR CB  HB   sing N N 298 
THR OG1 HG1  sing N N 299 
THR CG2 HG21 sing N N 300 
THR CG2 HG22 sing N N 301 
THR CG2 HG23 sing N N 302 
THR OXT HXT  sing N N 303 
TRP N   CA   sing N N 304 
TRP N   H    sing N N 305 
TRP N   H2   sing N N 306 
TRP CA  C    sing N N 307 
TRP CA  CB   sing N N 308 
TRP CA  HA   sing N N 309 
TRP C   O    doub N N 310 
TRP C   OXT  sing N N 311 
TRP CB  CG   sing N N 312 
TRP CB  HB2  sing N N 313 
TRP CB  HB3  sing N N 314 
TRP CG  CD1  doub Y N 315 
TRP CG  CD2  sing Y N 316 
TRP CD1 NE1  sing Y N 317 
TRP CD1 HD1  sing N N 318 
TRP CD2 CE2  doub Y N 319 
TRP CD2 CE3  sing Y N 320 
TRP NE1 CE2  sing Y N 321 
TRP NE1 HE1  sing N N 322 
TRP CE2 CZ2  sing Y N 323 
TRP CE3 CZ3  doub Y N 324 
TRP CE3 HE3  sing N N 325 
TRP CZ2 CH2  doub Y N 326 
TRP CZ2 HZ2  sing N N 327 
TRP CZ3 CH2  sing Y N 328 
TRP CZ3 HZ3  sing N N 329 
TRP CH2 HH2  sing N N 330 
TRP OXT HXT  sing N N 331 
TYR N   CA   sing N N 332 
TYR N   H    sing N N 333 
TYR N   H2   sing N N 334 
TYR CA  C    sing N N 335 
TYR CA  CB   sing N N 336 
TYR CA  HA   sing N N 337 
TYR C   O    doub N N 338 
TYR C   OXT  sing N N 339 
TYR CB  CG   sing N N 340 
TYR CB  HB2  sing N N 341 
TYR CB  HB3  sing N N 342 
TYR CG  CD1  doub Y N 343 
TYR CG  CD2  sing Y N 344 
TYR CD1 CE1  sing Y N 345 
TYR CD1 HD1  sing N N 346 
TYR CD2 CE2  doub Y N 347 
TYR CD2 HD2  sing N N 348 
TYR CE1 CZ   doub Y N 349 
TYR CE1 HE1  sing N N 350 
TYR CE2 CZ   sing Y N 351 
TYR CE2 HE2  sing N N 352 
TYR CZ  OH   sing N N 353 
TYR OH  HH   sing N N 354 
TYR OXT HXT  sing N N 355 
VAL N   CA   sing N N 356 
VAL N   H    sing N N 357 
VAL N   H2   sing N N 358 
VAL CA  C    sing N N 359 
VAL CA  CB   sing N N 360 
VAL CA  HA   sing N N 361 
VAL C   O    doub N N 362 
VAL C   OXT  sing N N 363 
VAL CB  CG1  sing N N 364 
VAL CB  CG2  sing N N 365 
VAL CB  HB   sing N N 366 
VAL CG1 HG11 sing N N 367 
VAL CG1 HG12 sing N N 368 
VAL CG1 HG13 sing N N 369 
VAL CG2 HG21 sing N N 370 
VAL CG2 HG22 sing N N 371 
VAL CG2 HG23 sing N N 372 
VAL OXT HXT  sing N N 373 
# 
_em_admin.current_status     REL 
_em_admin.deposition_date    2025-07-21 
_em_admin.deposition_site    PDBJ 
_em_admin.entry_id           9VYI 
_em_admin.last_update        2025-10-22 
_em_admin.map_release_date   2025-10-22 
_em_admin.title              'Cryo-EM structure of bacteriophage P1 baseplate in C1' 
# 
_em_ctf_correction.details                  ? 
_em_ctf_correction.em_image_processing_id   1 
_em_ctf_correction.id                       1 
_em_ctf_correction.type                     NONE 
# 
_em_entity_assembly_naturalsource.cell                 ? 
_em_entity_assembly_naturalsource.cellular_location    ? 
_em_entity_assembly_naturalsource.entity_assembly_id   1 
_em_entity_assembly_naturalsource.id                   2 
_em_entity_assembly_naturalsource.ncbi_tax_id          2886926 
_em_entity_assembly_naturalsource.organism             'Escherichia phage P1' 
_em_entity_assembly_naturalsource.organelle            ? 
_em_entity_assembly_naturalsource.organ                ? 
_em_entity_assembly_naturalsource.strain               ? 
_em_entity_assembly_naturalsource.tissue               ? 
_em_entity_assembly_naturalsource.details              ? 
# 
_em_image_processing.details              ? 
_em_image_processing.id                   1 
_em_image_processing.image_recording_id   1 
# 
_em_image_recording.average_exposure_time               ? 
_em_image_recording.avg_electron_dose_per_subtomogram   ? 
_em_image_recording.avg_electron_dose_per_image         32 
_em_image_recording.details                             ? 
_em_image_recording.detector_mode                       ? 
_em_image_recording.film_or_detector_model              'GATAN K3 (6k x 4k)' 
_em_image_recording.id                                  1 
_em_image_recording.imaging_id                          1 
_em_image_recording.num_diffraction_images              ? 
_em_image_recording.num_grids_imaged                    ? 
_em_image_recording.num_real_images                     ? 
# 
loop_
_em_software.category 
_em_software.details 
_em_software.id 
_em_software.image_processing_id 
_em_software.fitting_id 
_em_software.imaging_id 
_em_software.name 
_em_software.version 
_em_software.reference_DOI 
'PARTICLE SELECTION'       ? 1  1 ? ? EMAN      ?           ? 
'MODEL REFINEMENT'         ? 2  ? ? ? PHENIX    1.20.1_4487 ? 
'IMAGE ACQUISITION'        ? 3  ? ? 1 ?         ?           ? 
MASKING                    ? 4  ? ? ? ?         ?           ? 
'CTF CORRECTION'           ? 5  1 ? ? ?         ?           ? 
'LAYERLINE INDEXING'       ? 6  ? ? ? ?         ?           ? 
'DIFFRACTION INDEXING'     ? 7  ? ? ? ?         ?           ? 
'MODEL FITTING'            ? 8  ? ? ? ?         ?           ? 
OTHER                      ? 9  ? ? ? ?         ?           ? 
'INITIAL EULER ASSIGNMENT' ? 10 1 ? ? ?         ?           ? 
'FINAL EULER ASSIGNMENT'   ? 11 1 ? ? ?         ?           ? 
CLASSIFICATION             ? 12 1 ? ? ?         ?           ? 
RECONSTRUCTION             ? 13 1 ? ? cryoSPARC ?           ? 
# 
_em_specimen.concentration           ? 
_em_specimen.details                 ? 
_em_specimen.embedding_applied       NO 
_em_specimen.experiment_id           1 
_em_specimen.id                      1 
_em_specimen.shadowing_applied       NO 
_em_specimen.staining_applied        NO 
_em_specimen.vitrification_applied   YES 
# 
loop_
_pdbx_audit_support.funding_organization 
_pdbx_audit_support.country 
_pdbx_audit_support.grant_number 
_pdbx_audit_support.ordinal 
'National Natural Science Foundation of China (NSFC)' China 12034006 1 
'National Natural Science Foundation of China (NSFC)' China 32430020 2 
'National Natural Science Foundation of China (NSFC)' China 32071209 3 
# 
_atom_sites.entry_id                    9VYI 
_atom_sites.Cartn_transf_matrix[1][1]   ? 
_atom_sites.Cartn_transf_matrix[1][2]   ? 
_atom_sites.Cartn_transf_matrix[1][3]   ? 
_atom_sites.Cartn_transf_matrix[2][1]   ? 
_atom_sites.Cartn_transf_matrix[2][2]   ? 
_atom_sites.Cartn_transf_matrix[2][3]   ? 
_atom_sites.Cartn_transf_matrix[3][1]   ? 
_atom_sites.Cartn_transf_matrix[3][2]   ? 
_atom_sites.Cartn_transf_matrix[3][3]   ? 
_atom_sites.Cartn_transf_vector[1]      ? 
_atom_sites.Cartn_transf_vector[2]      ? 
_atom_sites.Cartn_transf_vector[3]      ? 
_atom_sites.Cartn_transform_axes        ? 
_atom_sites.fract_transf_matrix[1][1]   1.000000 
_atom_sites.fract_transf_matrix[1][2]   0.000000 
_atom_sites.fract_transf_matrix[1][3]   0.000000 
_atom_sites.fract_transf_matrix[2][1]   0.000000 
_atom_sites.fract_transf_matrix[2][2]   1.000000 
_atom_sites.fract_transf_matrix[2][3]   0.000000 
_atom_sites.fract_transf_matrix[3][1]   0.000000 
_atom_sites.fract_transf_matrix[3][2]   0.000000 
_atom_sites.fract_transf_matrix[3][3]   1.000000 
_atom_sites.fract_transf_vector[1]      0.00000 
_atom_sites.fract_transf_vector[2]      0.00000 
_atom_sites.fract_transf_vector[3]      0.00000 
_atom_sites.solution_primary            ? 
_atom_sites.solution_secondary          ? 
_atom_sites.solution_hydrogens          ? 
_atom_sites.special_details             ? 
# 
loop_
_atom_type.symbol 
C 
N 
O 
S 
# 
loop_
_atom_site.group_PDB 
_atom_site.id 
_atom_site.type_symbol 
_atom_site.label_atom_id 
_atom_site.label_alt_id 
_atom_site.label_comp_id 
_atom_site.label_asym_id 
_atom_site.label_entity_id 
_atom_site.label_seq_id 
_atom_site.pdbx_PDB_ins_code 
_atom_site.Cartn_x 
_atom_site.Cartn_y 
_atom_site.Cartn_z 
_atom_site.occupancy 
_atom_site.B_iso_or_equiv 
_atom_site.pdbx_formal_charge 
_atom_site.auth_seq_id 
_atom_site.auth_comp_id 
_atom_site.auth_asym_id 
_atom_site.auth_atom_id 
_atom_site.pdbx_PDB_model_num 
ATOM 1   N N   . ALA A 1 2  ? 13.460  -1.145  -3.134  1.00 97.48 ? 2  ALA A N   1 
ATOM 2   C CA  . ALA A 1 2  ? 12.086  -0.675  -3.258  1.00 97.99 ? 2  ALA A CA  1 
ATOM 3   C C   . ALA A 1 2  ? 11.769  0.364   -2.190  1.00 98.27 ? 2  ALA A C   1 
ATOM 4   O O   . ALA A 1 2  ? 11.979  0.129   -1.001  1.00 97.86 ? 2  ALA A O   1 
ATOM 5   C CB  . ALA A 1 2  ? 11.115  -1.842  -3.170  1.00 97.29 ? 2  ALA A CB  1 
ATOM 6   N N   . SER A 1 3  ? 11.266  1.518   -2.625  1.00 98.58 ? 3  SER A N   1 
ATOM 7   C CA  . SER A 1 3  ? 10.920  2.581   -1.694  1.00 98.71 ? 3  SER A CA  1 
ATOM 8   C C   . SER A 1 3  ? 9.760   2.154   -0.804  1.00 98.88 ? 3  SER A C   1 
ATOM 9   O O   . SER A 1 3  ? 8.848   1.445   -1.238  1.00 98.75 ? 3  SER A O   1 
ATOM 10  C CB  . SER A 1 3  ? 10.561  3.856   -2.456  1.00 98.47 ? 3  SER A CB  1 
ATOM 11  O OG  . SER A 1 3  ? 11.621  4.253   -3.308  1.00 94.10 ? 3  SER A OG  1 
ATOM 12  N N   . ILE A 1 4  ? 9.804   2.590   0.457   1.00 98.74 ? 4  ILE A N   1 
ATOM 13  C CA  . ILE A 1 4  ? 8.764   2.216   1.404   1.00 98.70 ? 4  ILE A CA  1 
ATOM 14  C C   . ILE A 1 4  ? 7.468   2.946   1.073   1.00 98.89 ? 4  ILE A C   1 
ATOM 15  O O   . ILE A 1 4  ? 7.462   4.146   0.768   1.00 98.74 ? 4  ILE A O   1 
ATOM 16  C CB  . ILE A 1 4  ? 9.228   2.497   2.844   1.00 98.67 ? 4  ILE A CB  1 
ATOM 17  C CG1 . ILE A 1 4  ? 8.197   1.989   3.854   1.00 98.28 ? 4  ILE A CG1 1 
ATOM 18  C CG2 . ILE A 1 4  ? 9.529   3.979   3.045   1.00 97.89 ? 4  ILE A CG2 1 
ATOM 19  C CD1 . ILE A 1 4  ? 8.561   2.281   5.292   1.00 96.93 ? 4  ILE A CD1 1 
ATOM 20  N N   . ALA A 1 5  ? 6.362   2.210   1.109   1.00 98.82 ? 5  ALA A N   1 
ATOM 21  C CA  . ALA A 1 5  ? 5.050   2.797   0.880   1.00 98.85 ? 5  ALA A CA  1 
ATOM 22  C C   . ALA A 1 5  ? 4.413   3.198   2.203   1.00 98.82 ? 5  ALA A C   1 
ATOM 23  O O   . ALA A 1 5  ? 4.401   2.425   3.165   1.00 98.83 ? 5  ALA A O   1 
ATOM 24  C CB  . ALA A 1 5  ? 4.145   1.816   0.136   1.00 98.82 ? 5  ALA A CB  1 
ATOM 25  N N   . THR A 1 6  ? 3.881   4.416   2.246   1.00 98.82 ? 6  THR A N   1 
ATOM 26  C CA  . THR A 1 6  ? 3.312   4.984   3.459   1.00 98.86 ? 6  THR A CA  1 
ATOM 27  C C   . THR A 1 6  ? 1.801   5.103   3.302   1.00 98.73 ? 6  THR A C   1 
ATOM 28  O O   . THR A 1 6  ? 1.227   4.723   2.277   1.00 98.51 ? 6  THR A O   1 
ATOM 29  C CB  . THR A 1 6  ? 3.934   6.350   3.774   1.00 98.78 ? 6  THR A CB  1 
ATOM 30  O OG1 . THR A 1 6  ? 3.273   7.363   3.008   1.00 98.44 ? 6  THR A OG1 1 
ATOM 31  C CG2 . THR A 1 6  ? 5.415   6.350   3.431   1.00 98.15 ? 6  THR A CG2 1 
ATOM 32  N N   . LYS A 1 7  ? 1.153   5.643   4.338   1.00 98.76 ? 7  LYS A N   1 
ATOM 33  C CA  . LYS A 1 7  ? -0.298  5.786   4.323   1.00 98.64 ? 7  LYS A CA  1 
ATOM 34  C C   . LYS A 1 7  ? -0.775  6.762   3.256   1.00 98.58 ? 7  LYS A C   1 
ATOM 35  O O   . LYS A 1 7  ? -1.918  6.656   2.800   1.00 98.04 ? 7  LYS A O   1 
ATOM 36  C CB  . LYS A 1 7  ? -0.797  6.238   5.697   1.00 98.25 ? 7  LYS A CB  1 
ATOM 37  C CG  . LYS A 1 7  ? -2.293  6.062   5.899   1.00 96.17 ? 7  LYS A CG  1 
ATOM 38  C CD  . LYS A 1 7  ? -2.706  6.409   7.317   1.00 91.29 ? 7  LYS A CD  1 
ATOM 39  C CE  . LYS A 1 7  ? -4.144  5.998   7.586   1.00 85.87 ? 7  LYS A CE  1 
ATOM 40  N NZ  . LYS A 1 7  ? -4.463  6.023   9.039   1.00 74.96 ? 7  LYS A NZ  1 
ATOM 41  N N   . ASP A 1 8  ? 0.065   7.708   2.850   1.00 98.40 ? 8  ASP A N   1 
ATOM 42  C CA  . ASP A 1 8  ? -0.305  8.684   1.836   1.00 98.11 ? 8  ASP A CA  1 
ATOM 43  C C   . ASP A 1 8  ? 0.112   8.267   0.433   1.00 98.15 ? 8  ASP A C   1 
ATOM 44  O O   . ASP A 1 8  ? -0.106  9.026   -0.516  1.00 97.48 ? 8  ASP A O   1 
ATOM 45  C CB  . ASP A 1 8  ? 0.305   10.048  2.175   1.00 97.68 ? 8  ASP A CB  1 
ATOM 46  C CG  . ASP A 1 8  ? -0.101  10.539  3.550   1.00 96.97 ? 8  ASP A CG  1 
ATOM 47  O OD1 . ASP A 1 8  ? -1.155  10.095  4.053   1.00 95.58 ? 8  ASP A OD1 1 
ATOM 48  O OD2 . ASP A 1 8  ? 0.633   11.368  4.128   1.00 94.85 ? 8  ASP A OD2 1 
ATOM 49  N N   . SER A 1 9  ? 0.699   7.083   0.280   1.00 98.55 ? 9  SER A N   1 
ATOM 50  C CA  . SER A 1 9  ? 1.138   6.590   -1.023  1.00 98.51 ? 9  SER A CA  1 
ATOM 51  C C   . SER A 1 9  ? -0.091  6.194   -1.830  1.00 98.42 ? 9  SER A C   1 
ATOM 52  O O   . SER A 1 9  ? -0.690  5.142   -1.597  1.00 97.95 ? 9  SER A O   1 
ATOM 53  C CB  . SER A 1 9  ? 2.095   5.415   -0.854  1.00 98.43 ? 9  SER A CB  1 
ATOM 54  O OG  . SER A 1 9  ? 3.248   5.793   -0.122  1.00 97.53 ? 9  SER A OG  1 
ATOM 55  N N   . ILE A 1 10 ? -0.472  7.040   -2.790  1.00 98.46 ? 10 ILE A N   1 
ATOM 56  C CA  . ILE A 1 10 ? -1.649  6.758   -3.597  1.00 98.38 ? 10 ILE A CA  1 
ATOM 57  C C   . ILE A 1 10 ? -1.388  5.553   -4.497  1.00 98.51 ? 10 ILE A C   1 
ATOM 58  O O   . ILE A 1 10 ? -0.240  5.211   -4.806  1.00 98.37 ? 10 ILE A O   1 
ATOM 59  C CB  . ILE A 1 10 ? -2.055  7.992   -4.422  1.00 97.84 ? 10 ILE A CB  1 
ATOM 60  C CG1 . ILE A 1 10 ? -3.574  8.040   -4.598  1.00 94.87 ? 10 ILE A CG1 1 
ATOM 61  C CG2 . ILE A 1 10 ? -1.359  7.995   -5.776  1.00 94.01 ? 10 ILE A CG2 1 
ATOM 62  C CD1 . ILE A 1 10 ? -4.072  9.317   -5.234  1.00 90.63 ? 10 ILE A CD1 1 
ATOM 63  N N   . CYS A 1 11 ? -2.466  4.894   -4.906  1.00 98.52 ? 11 CYS A N   1 
ATOM 64  C CA  . CYS A 1 11 ? -2.375  3.713   -5.747  1.00 98.30 ? 11 CYS A CA  1 
ATOM 65  C C   . CYS A 1 11 ? -2.395  4.100   -7.224  1.00 98.41 ? 11 CYS A C   1 
ATOM 66  O O   . CYS A 1 11 ? -2.705  5.233   -7.596  1.00 98.20 ? 11 CYS A O   1 
ATOM 67  C CB  . CYS A 1 11 ? -3.516  2.744   -5.437  1.00 97.67 ? 11 CYS A CB  1 
ATOM 68  S SG  . CYS A 1 11 ? -5.094  3.216   -6.165  1.00 95.73 ? 11 CYS A SG  1 
ATOM 69  N N   . SER A 1 12 ? -2.055  3.130   -8.076  1.00 98.39 ? 12 SER A N   1 
ATOM 70  C CA  . SER A 1 12 ? -2.031  3.374   -9.513  1.00 98.35 ? 12 SER A CA  1 
ATOM 71  C C   . SER A 1 12 ? -3.372  3.093   -10.176 1.00 98.36 ? 12 SER A C   1 
ATOM 72  O O   . SER A 1 12 ? -3.558  3.456   -11.342 1.00 97.89 ? 12 SER A O   1 
ATOM 73  C CB  . SER A 1 12 ? -0.944  2.524   -10.169 1.00 98.26 ? 12 SER A CB  1 
ATOM 74  O OG  . SER A 1 12 ? -1.160  1.145   -9.926  1.00 97.97 ? 12 SER A OG  1 
ATOM 75  N N   . GLY A 1 13 ? -4.304  2.460   -9.470  1.00 97.95 ? 13 GLY A N   1 
ATOM 76  C CA  . GLY A 1 13 ? -5.594  2.134   -10.049 1.00 97.96 ? 13 GLY A CA  1 
ATOM 77  C C   . GLY A 1 13 ? -5.535  0.934   -10.971 1.00 98.13 ? 13 GLY A C   1 
ATOM 78  O O   . GLY A 1 13 ? -4.449  0.427   -11.269 1.00 97.45 ? 13 GLY A O   1 
ATOM 79  N N   . HIS A 1 14 ? -6.694  0.467   -11.432 1.00 97.60 ? 14 HIS A N   1 
ATOM 80  C CA  . HIS A 1 14 ? -6.742  -0.665  -12.346 1.00 97.76 ? 14 HIS A CA  1 
ATOM 81  C C   . HIS A 1 14 ? -8.028  -0.597  -13.156 1.00 97.88 ? 14 HIS A C   1 
ATOM 82  O O   . HIS A 1 14 ? -9.095  -0.298  -12.613 1.00 96.92 ? 14 HIS A O   1 
ATOM 83  C CB  . HIS A 1 14 ? -6.647  -1.998  -11.588 1.00 97.38 ? 14 HIS A CB  1 
ATOM 84  C CG  . HIS A 1 14 ? -7.943  -2.452  -10.988 1.00 97.58 ? 14 HIS A CG  1 
ATOM 85  N ND1 . HIS A 1 14 ? -8.700  -3.464  -11.535 1.00 94.65 ? 14 HIS A ND1 1 
ATOM 86  C CD2 . HIS A 1 14 ? -8.614  -2.029  -9.891  1.00 94.99 ? 14 HIS A CD2 1 
ATOM 87  C CE1 . HIS A 1 14 ? -9.782  -3.649  -10.799 1.00 94.82 ? 14 HIS A CE1 1 
ATOM 88  N NE2 . HIS A 1 14 ? -9.754  -2.790  -9.796  1.00 95.36 ? 14 HIS A NE2 1 
ATOM 89  N N   . GLY A 1 15 ? -7.912  -0.869  -14.454 1.00 96.42 ? 15 GLY A N   1 
ATOM 90  C CA  . GLY A 1 15 ? -9.078  -0.876  -15.325 1.00 95.40 ? 15 GLY A CA  1 
ATOM 91  C C   . GLY A 1 15 ? -9.805  0.452   -15.307 1.00 95.74 ? 15 GLY A C   1 
ATOM 92  O O   . GLY A 1 15 ? -9.192  1.525   -15.365 1.00 92.76 ? 15 GLY A O   1 
ATOM 93  N N   . GLY A 1 16 ? -11.132 0.387   -15.222 1.00 96.08 ? 16 GLY A N   1 
ATOM 94  C CA  . GLY A 1 16 ? -11.953 1.572   -15.097 1.00 96.39 ? 16 GLY A CA  1 
ATOM 95  C C   . GLY A 1 16 ? -12.088 2.106   -13.693 1.00 97.35 ? 16 GLY A C   1 
ATOM 96  O O   . GLY A 1 16 ? -12.791 3.096   -13.474 1.00 96.32 ? 16 GLY A O   1 
ATOM 97  N N   . PHE A 1 17 ? -11.426 1.471   -12.729 1.00 97.99 ? 17 PHE A N   1 
ATOM 98  C CA  . PHE A 1 17 ? -11.504 1.883   -11.335 1.00 98.21 ? 17 PHE A CA  1 
ATOM 99  C C   . PHE A 1 17 ? -10.396 2.885   -11.043 1.00 98.37 ? 17 PHE A C   1 
ATOM 100 O O   . PHE A 1 17 ? -9.215  2.551   -11.213 1.00 98.10 ? 17 PHE A O   1 
ATOM 101 C CB  . PHE A 1 17 ? -11.379 0.679   -10.417 1.00 98.24 ? 17 PHE A CB  1 
ATOM 102 C CG  . PHE A 1 17 ? -12.284 -0.464  -10.785 1.00 98.31 ? 17 PHE A CG  1 
ATOM 103 C CD1 . PHE A 1 17 ? -11.907 -1.383  -11.752 1.00 97.82 ? 17 PHE A CD1 1 
ATOM 104 C CD2 . PHE A 1 17 ? -13.507 -0.625  -10.158 1.00 97.75 ? 17 PHE A CD2 1 
ATOM 105 C CE1 . PHE A 1 17 ? -12.732 -2.434  -12.091 1.00 97.49 ? 17 PHE A CE1 1 
ATOM 106 C CE2 . PHE A 1 17 ? -14.337 -1.679  -10.493 1.00 97.50 ? 17 PHE A CE2 1 
ATOM 107 C CZ  . PHE A 1 17 ? -13.949 -2.583  -11.461 1.00 97.53 ? 17 PHE A CZ  1 
ATOM 108 N N   . PRO A 1 18 ? -10.715 4.100   -10.605 1.00 98.35 ? 18 PRO A N   1 
ATOM 109 C CA  . PRO A 1 18 ? -9.684  5.133   -10.475 1.00 98.16 ? 18 PRO A CA  1 
ATOM 110 C C   . PRO A 1 18 ? -8.751  4.874   -9.304  1.00 98.14 ? 18 PRO A C   1 
ATOM 111 O O   . PRO A 1 18 ? -8.915  3.932   -8.527  1.00 97.71 ? 18 PRO A O   1 
ATOM 112 C CB  . PRO A 1 18 ? -10.499 6.412   -10.259 1.00 97.88 ? 18 PRO A CB  1 
ATOM 113 C CG  . PRO A 1 18 ? -11.742 5.931   -9.590  1.00 97.12 ? 18 PRO A CG  1 
ATOM 114 C CD  . PRO A 1 18 ? -12.044 4.594   -10.210 1.00 98.11 ? 18 PRO A CD  1 
ATOM 115 N N   . SER A 1 19 ? -7.748  5.741   -9.195  1.00 98.19 ? 19 SER A N   1 
ATOM 116 C CA  . SER A 1 19 ? -6.772  5.639   -8.120  1.00 97.96 ? 19 SER A CA  1 
ATOM 117 C C   . SER A 1 19 ? -7.385  6.072   -6.792  1.00 97.78 ? 19 SER A C   1 
ATOM 118 O O   . SER A 1 19 ? -8.385  6.792   -6.748  1.00 96.00 ? 19 SER A O   1 
ATOM 119 C CB  . SER A 1 19 ? -5.545  6.492   -8.439  1.00 96.90 ? 19 SER A CB  1 
ATOM 120 O OG  . SER A 1 19 ? -4.655  5.795   -9.295  1.00 86.02 ? 19 SER A OG  1 
ATOM 121 N N   . ARG A 1 20 ? -6.772  5.626   -5.699  1.00 96.85 ? 20 ARG A N   1 
ATOM 122 C CA  . ARG A 1 20 ? -7.306  5.868   -4.365  1.00 96.23 ? 20 ARG A CA  1 
ATOM 123 C C   . ARG A 1 20 ? -6.170  5.730   -3.359  1.00 97.00 ? 20 ARG A C   1 
ATOM 124 O O   . ARG A 1 20 ? -5.165  5.066   -3.639  1.00 96.73 ? 20 ARG A O   1 
ATOM 125 C CB  . ARG A 1 20 ? -8.434  4.880   -4.040  1.00 92.73 ? 20 ARG A CB  1 
ATOM 126 C CG  . ARG A 1 20 ? -7.944  3.455   -3.890  1.00 86.37 ? 20 ARG A CG  1 
ATOM 127 C CD  . ARG A 1 20 ? -8.878  2.470   -4.558  1.00 83.12 ? 20 ARG A CD  1 
ATOM 128 N NE  . ARG A 1 20 ? -8.411  1.099   -4.398  1.00 82.86 ? 20 ARG A NE  1 
ATOM 129 C CZ  . ARG A 1 20 ? -7.406  0.561   -5.077  1.00 78.46 ? 20 ARG A CZ  1 
ATOM 130 N NH1 . ARG A 1 20 ? -6.765  1.237   -6.015  1.00 71.54 ? 20 ARG A NH1 1 
ATOM 131 N NH2 . ARG A 1 20 ? -7.037  -0.687  -4.807  1.00 70.29 ? 20 ARG A NH2 1 
ATOM 132 N N   . PRO A 1 21 ? -6.294  6.349   -2.187  1.00 96.84 ? 21 PRO A N   1 
ATOM 133 C CA  . PRO A 1 21 ? -5.269  6.195   -1.154  1.00 96.43 ? 21 PRO A CA  1 
ATOM 134 C C   . PRO A 1 21 ? -5.629  5.088   -0.179  1.00 97.00 ? 21 PRO A C   1 
ATOM 135 O O   . PRO A 1 21 ? -6.805  4.719   -0.049  1.00 96.91 ? 21 PRO A O   1 
ATOM 136 C CB  . PRO A 1 21 ? -5.274  7.565   -0.466  1.00 94.89 ? 21 PRO A CB  1 
ATOM 137 C CG  . PRO A 1 21 ? -6.713  7.970   -0.532  1.00 93.34 ? 21 PRO A CG  1 
ATOM 138 C CD  . PRO A 1 21 ? -7.263  7.404   -1.835  1.00 95.32 ? 21 PRO A CD  1 
ATOM 139 N N   . PRO A 1 22 ? -4.644  4.530   0.522   1.00 98.19 ? 22 PRO A N   1 
ATOM 140 C CA  . PRO A 1 22 ? -4.952  3.578   1.592   1.00 98.23 ? 22 PRO A CA  1 
ATOM 141 C C   . PRO A 1 22 ? -5.446  4.292   2.840   1.00 98.21 ? 22 PRO A C   1 
ATOM 142 O O   . PRO A 1 22 ? -5.128  5.457   3.086   1.00 97.80 ? 22 PRO A O   1 
ATOM 143 C CB  . PRO A 1 22 ? -3.611  2.881   1.843   1.00 97.73 ? 22 PRO A CB  1 
ATOM 144 C CG  . PRO A 1 22 ? -2.594  3.889   1.451   1.00 95.86 ? 22 PRO A CG  1 
ATOM 145 C CD  . PRO A 1 22 ? -3.193  4.696   0.327   1.00 97.73 ? 22 PRO A CD  1 
ATOM 146 N N   . VAL A 1 23 ? -6.238  3.570   3.638   1.00 98.38 ? 23 VAL A N   1 
ATOM 147 C CA  . VAL A 1 23 ? -6.871  4.158   4.816   1.00 98.12 ? 23 VAL A CA  1 
ATOM 148 C C   . VAL A 1 23 ? -6.353  3.585   6.130   1.00 98.36 ? 23 VAL A C   1 
ATOM 149 O O   . VAL A 1 23 ? -6.775  4.056   7.200   1.00 97.73 ? 23 VAL A O   1 
ATOM 150 C CB  . VAL A 1 23 ? -8.407  4.001   4.759   1.00 97.41 ? 23 VAL A CB  1 
ATOM 151 C CG1 . VAL A 1 23 ? -8.984  4.820   3.618   1.00 94.68 ? 23 VAL A CG1 1 
ATOM 152 C CG2 . VAL A 1 23 ? -8.788  2.539   4.619   1.00 94.34 ? 23 VAL A CG2 1 
ATOM 153 N N   . GLU A 1 24 ? -5.465  2.593   6.094   1.00 98.10 ? 24 GLU A N   1 
ATOM 154 C CA  . GLU A 1 24 ? -4.975  1.958   7.308   1.00 98.09 ? 24 GLU A CA  1 
ATOM 155 C C   . GLU A 1 24 ? -3.452  1.921   7.299   1.00 98.15 ? 24 GLU A C   1 
ATOM 156 O O   . GLU A 1 24 ? -2.813  1.947   6.244   1.00 97.83 ? 24 GLU A O   1 
ATOM 157 C CB  . GLU A 1 24 ? -5.542  0.539   7.476   1.00 97.39 ? 24 GLU A CB  1 
ATOM 158 C CG  . GLU A 1 24 ? -6.843  0.292   6.725   1.00 95.75 ? 24 GLU A CG  1 
ATOM 159 C CD  . GLU A 1 24 ? -7.431  -1.079  6.997   1.00 96.25 ? 24 GLU A CD  1 
ATOM 160 O OE1 . GLU A 1 24 ? -8.662  -1.236  6.854   1.00 93.50 ? 24 GLU A OE1 1 
ATOM 161 O OE2 . GLU A 1 24 ? -6.670  -1.994  7.366   1.00 92.11 ? 24 GLU A OE2 1 
ATOM 162 N N   . SER A 1 25 ? -2.877  1.861   8.499   1.00 98.26 ? 25 SER A N   1 
ATOM 163 C CA  . SER A 1 25 ? -1.432  1.888   8.673   1.00 98.21 ? 25 SER A CA  1 
ATOM 164 C C   . SER A 1 25 ? -1.092  1.353   10.059  1.00 98.39 ? 25 SER A C   1 
ATOM 165 O O   . SER A 1 25 ? -1.961  0.872   10.792  1.00 98.10 ? 25 SER A O   1 
ATOM 166 C CB  . SER A 1 25 ? -0.881  3.304   8.484   1.00 97.52 ? 25 SER A CB  1 
ATOM 167 O OG  . SER A 1 25 ? -1.610  4.231   9.268   1.00 96.66 ? 25 SER A OG  1 
ATOM 168 N N   . GLU A 1 26 ? 0.187   1.448   10.418  1.00 98.40 ? 26 GLU A N   1 
ATOM 169 C CA  . GLU A 1 26 ? 0.665   0.978   11.716  1.00 98.43 ? 26 GLU A CA  1 
ATOM 170 C C   . GLU A 1 26 ? 1.347   2.119   12.458  1.00 98.49 ? 26 GLU A C   1 
ATOM 171 O O   . GLU A 1 26 ? 2.309   2.704   11.935  1.00 98.11 ? 26 GLU A O   1 
ATOM 172 C CB  . GLU A 1 26 ? 1.629   -0.195  11.537  1.00 98.27 ? 26 GLU A CB  1 
ATOM 173 C CG  . GLU A 1 26 ? 1.937   -0.962  12.814  1.00 97.36 ? 26 GLU A CG  1 
ATOM 174 C CD  . GLU A 1 26 ? 0.690   -1.330  13.593  1.00 97.69 ? 26 GLU A CD  1 
ATOM 175 O OE1 . GLU A 1 26 ? -0.187  -2.015  13.027  1.00 94.55 ? 26 GLU A OE1 1 
ATOM 176 O OE2 . GLU A 1 26 ? 0.595   -0.948  14.778  1.00 94.12 ? 26 GLU A OE2 1 
ATOM 177 N N   . PRO A 1 27 ? 0.894   2.478   13.663  1.00 98.52 ? 27 PRO A N   1 
ATOM 178 C CA  . PRO A 1 27 ? 1.526   3.599   14.378  1.00 98.38 ? 27 PRO A CA  1 
ATOM 179 C C   . PRO A 1 27 ? 2.890   3.277   14.960  1.00 98.36 ? 27 PRO A C   1 
ATOM 180 O O   . PRO A 1 27 ? 3.641   4.210   15.268  1.00 97.60 ? 27 PRO A O   1 
ATOM 181 C CB  . PRO A 1 27 ? 0.513   3.922   15.486  1.00 97.97 ? 27 PRO A CB  1 
ATOM 182 C CG  . PRO A 1 27 ? -0.215  2.638   15.702  1.00 97.03 ? 27 PRO A CG  1 
ATOM 183 C CD  . PRO A 1 27 ? -0.329  2.016   14.339  1.00 98.22 ? 27 PRO A CD  1 
ATOM 184 N N   . LEU A 1 28 ? 3.236   1.999   15.130  1.00 98.07 ? 28 LEU A N   1 
ATOM 185 C CA  . LEU A 1 28 ? 4.497   1.648   15.775  1.00 97.66 ? 28 LEU A CA  1 
ATOM 186 C C   . LEU A 1 28 ? 5.710   2.174   15.023  1.00 97.61 ? 28 LEU A C   1 
ATOM 187 O O   . LEU A 1 28 ? 6.743   2.431   15.648  1.00 97.05 ? 28 LEU A O   1 
ATOM 188 C CB  . LEU A 1 28 ? 4.606   0.131   15.932  1.00 97.00 ? 28 LEU A CB  1 
ATOM 189 C CG  . LEU A 1 28 ? 3.939   -0.451  17.179  1.00 88.99 ? 28 LEU A CG  1 
ATOM 190 C CD1 . LEU A 1 28 ? 4.077   -1.963  17.204  1.00 84.91 ? 28 LEU A CD1 1 
ATOM 191 C CD2 . LEU A 1 28 ? 4.541   0.166   18.431  1.00 85.05 ? 28 LEU A CD2 1 
ATOM 192 N N   . LEU A 1 29 ? 5.613   2.344   13.707  1.00 98.26 ? 29 LEU A N   1 
ATOM 193 C CA  . LEU A 1 29 ? 6.710   2.863   12.902  1.00 98.36 ? 29 LEU A CA  1 
ATOM 194 C C   . LEU A 1 29 ? 6.249   4.119   12.182  1.00 98.64 ? 29 LEU A C   1 
ATOM 195 O O   . LEU A 1 29 ? 5.226   4.101   11.491  1.00 98.55 ? 29 LEU A O   1 
ATOM 196 C CB  . LEU A 1 29 ? 7.198   1.822   11.890  1.00 97.83 ? 29 LEU A CB  1 
ATOM 197 C CG  . LEU A 1 29 ? 8.512   1.105   12.199  1.00 96.60 ? 29 LEU A CG  1 
ATOM 198 C CD1 . LEU A 1 29 ? 9.691   2.023   11.925  1.00 95.02 ? 29 LEU A CD1 1 
ATOM 199 C CD2 . LEU A 1 29 ? 8.537   0.609   13.633  1.00 94.56 ? 29 LEU A CD2 1 
ATOM 200 N N   . LYS A 1 30 ? 7.001   5.203   12.344  1.00 98.63 ? 30 LYS A N   1 
ATOM 201 C CA  . LYS A 1 30 ? 6.719   6.462   11.671  1.00 98.66 ? 30 LYS A CA  1 
ATOM 202 C C   . LYS A 1 30 ? 7.960   6.933   10.927  1.00 98.63 ? 30 LYS A C   1 
ATOM 203 O O   . LYS A 1 30 ? 9.046   7.033   11.509  1.00 98.35 ? 30 LYS A O   1 
ATOM 204 C CB  . LYS A 1 30 ? 6.264   7.538   12.662  1.00 98.57 ? 30 LYS A CB  1 
ATOM 205 C CG  . LYS A 1 30 ? 5.636   6.997   13.935  1.00 97.98 ? 30 LYS A CG  1 
ATOM 206 C CD  . LYS A 1 30 ? 5.063   8.122   14.782  1.00 97.30 ? 30 LYS A CD  1 
ATOM 207 C CE  . LYS A 1 30 ? 5.289   7.870   16.264  1.00 93.71 ? 30 LYS A CE  1 
ATOM 208 N NZ  . LYS A 1 30 ? 4.722   8.959   17.104  1.00 87.92 ? 30 LYS A NZ  1 
ATOM 209 N N   . VAL A 1 31 ? 7.796   7.215   9.638   1.00 98.78 ? 31 VAL A N   1 
ATOM 210 C CA  . VAL A 1 31 ? 8.862   7.739   8.793   1.00 98.77 ? 31 VAL A CA  1 
ATOM 211 C C   . VAL A 1 31 ? 8.443   9.119   8.312   1.00 98.70 ? 31 VAL A C   1 
ATOM 212 O O   . VAL A 1 31 ? 7.424   9.256   7.626   1.00 98.42 ? 31 VAL A O   1 
ATOM 213 C CB  . VAL A 1 31 ? 9.155   6.814   7.601   1.00 98.55 ? 31 VAL A CB  1 
ATOM 214 C CG1 . VAL A 1 31 ? 10.383  7.296   6.848   1.00 97.88 ? 31 VAL A CG1 1 
ATOM 215 C CG2 . VAL A 1 31 ? 9.339   5.381   8.072   1.00 97.98 ? 31 VAL A CG2 1 
ATOM 216 N N   . ASN A 1 32 ? 9.228   10.135  8.673   1.00 98.49 ? 32 ASN A N   1 
ATOM 217 C CA  . ASN A 1 32 ? 8.928   11.526  8.327   1.00 98.25 ? 32 ASN A CA  1 
ATOM 218 C C   . ASN A 1 32 ? 7.539   11.935  8.812   1.00 98.36 ? 32 ASN A C   1 
ATOM 219 O O   . ASN A 1 32 ? 6.873   12.776  8.202   1.00 97.57 ? 32 ASN A O   1 
ATOM 220 C CB  . ASN A 1 32 ? 9.067   11.767  6.822   1.00 97.69 ? 32 ASN A CB  1 
ATOM 221 C CG  . ASN A 1 32 ? 10.510  11.820  6.375   1.00 94.55 ? 32 ASN A CG  1 
ATOM 222 O OD1 . ASN A 1 32 ? 10.870  11.274  5.333   1.00 88.81 ? 32 ASN A OD1 1 
ATOM 223 N ND2 . ASN A 1 32 ? 11.348  12.488  7.158   1.00 87.44 ? 32 ASN A ND2 1 
ATOM 224 N N   . GLY A 1 33 ? 7.093   11.339  9.915   1.00 98.59 ? 33 GLY A N   1 
ATOM 225 C CA  . GLY A 1 33 ? 5.781   11.616  10.457  1.00 98.51 ? 33 GLY A CA  1 
ATOM 226 C C   . GLY A 1 33 ? 4.643   10.869  9.800   1.00 98.61 ? 33 GLY A C   1 
ATOM 227 O O   . GLY A 1 33 ? 3.492   11.035  10.222  1.00 98.28 ? 33 GLY A O   1 
ATOM 228 N N   . VAL A 1 34 ? 4.921   10.055  8.786   1.00 98.45 ? 34 VAL A N   1 
ATOM 229 C CA  . VAL A 1 34 ? 3.901   9.279   8.092   1.00 98.52 ? 34 VAL A CA  1 
ATOM 230 C C   . VAL A 1 34 ? 4.052   7.820   8.497   1.00 98.65 ? 34 VAL A C   1 
ATOM 231 O O   . VAL A 1 34 ? 5.127   7.230   8.333   1.00 98.57 ? 34 VAL A O   1 
ATOM 232 C CB  . VAL A 1 34 ? 4.014   9.444   6.568   1.00 98.48 ? 34 VAL A CB  1 
ATOM 233 C CG1 . VAL A 1 34 ? 2.726   9.008   5.893   1.00 97.68 ? 34 VAL A CG1 1 
ATOM 234 C CG2 . VAL A 1 34 ? 4.352   10.884  6.215   1.00 97.71 ? 34 VAL A CG2 1 
ATOM 235 N N   . GLU A 1 35 ? 2.979   7.241   9.029   1.00 98.79 ? 35 GLU A N   1 
ATOM 236 C CA  . GLU A 1 35 ? 3.037   5.876   9.535   1.00 98.71 ? 35 GLU A CA  1 
ATOM 237 C C   . GLU A 1 35 ? 3.159   4.879   8.388   1.00 98.71 ? 35 GLU A C   1 
ATOM 238 O O   . GLU A 1 35 ? 2.819   5.178   7.240   1.00 98.62 ? 35 GLU A O   1 
ATOM 239 C CB  . GLU A 1 35 ? 1.799   5.582   10.380  1.00 98.59 ? 35 GLU A CB  1 
ATOM 240 C CG  . GLU A 1 35 ? 1.728   6.435   11.639  1.00 97.91 ? 35 GLU A CG  1 
ATOM 241 C CD  . GLU A 1 35 ? 0.468   6.198   12.442  1.00 97.58 ? 35 GLU A CD  1 
ATOM 242 O OE1 . GLU A 1 35 ? -0.340  5.334   12.042  1.00 94.54 ? 35 GLU A OE1 1 
ATOM 243 O OE2 . GLU A 1 35 ? 0.286   6.875   13.476  1.00 93.78 ? 35 GLU A OE2 1 
ATOM 244 N N   . VAL A 1 36 ? 3.653   3.685   8.706   1.00 98.71 ? 36 VAL A N   1 
ATOM 245 C CA  . VAL A 1 36 ? 4.020   2.725   7.674   1.00 98.74 ? 36 VAL A CA  1 
ATOM 246 C C   . VAL A 1 36 ? 2.816   1.878   7.275   1.00 98.60 ? 36 VAL A C   1 
ATOM 247 O O   . VAL A 1 36 ? 1.864   1.688   8.039   1.00 98.50 ? 36 VAL A O   1 
ATOM 248 C CB  . VAL A 1 36 ? 5.192   1.843   8.140   1.00 98.59 ? 36 VAL A CB  1 
ATOM 249 C CG1 . VAL A 1 36 ? 6.382   2.711   8.513   1.00 97.55 ? 36 VAL A CG1 1 
ATOM 250 C CG2 . VAL A 1 36 ? 4.764   0.974   9.313   1.00 97.37 ? 36 VAL A CG2 1 
ATOM 251 N N   . LEU A 1 37 ? 2.873   1.359   6.051   1.00 98.70 ? 37 LEU A N   1 
ATOM 252 C CA  . LEU A 1 37 ? 1.851   0.476   5.504   1.00 98.64 ? 37 LEU A CA  1 
ATOM 253 C C   . LEU A 1 37 ? 2.308   -0.970  5.640   1.00 98.72 ? 37 LEU A C   1 
ATOM 254 O O   . LEU A 1 37 ? 3.454   -1.298  5.318   1.00 98.62 ? 37 LEU A O   1 
ATOM 255 C CB  . LEU A 1 37 ? 1.569   0.808   4.039   1.00 98.01 ? 37 LEU A CB  1 
ATOM 256 C CG  . LEU A 1 37 ? 1.080   -0.343  3.158   1.00 93.94 ? 37 LEU A CG  1 
ATOM 257 C CD1 . LEU A 1 37 ? -0.368  -0.695  3.469   1.00 91.75 ? 37 LEU A CD1 1 
ATOM 258 C CD2 . LEU A 1 37 ? 1.245   0.002   1.687   1.00 92.97 ? 37 LEU A CD2 1 
ATOM 259 N N   . VAL A 1 38 ? 1.408   -1.829  6.120   1.00 98.60 ? 38 VAL A N   1 
ATOM 260 C CA  . VAL A 1 38 ? 1.717   -3.219  6.413   1.00 98.66 ? 38 VAL A CA  1 
ATOM 261 C C   . VAL A 1 38 ? 0.646   -4.090  5.761   1.00 98.74 ? 38 VAL A C   1 
ATOM 262 O O   . VAL A 1 38 ? -0.378  -3.597  5.287   1.00 98.64 ? 38 VAL A O   1 
ATOM 263 C CB  . VAL A 1 38 ? 1.801   -3.475  7.934   1.00 98.62 ? 38 VAL A CB  1 
ATOM 264 C CG1 . VAL A 1 38 ? 0.413   -3.478  8.565   1.00 98.22 ? 38 VAL A CG1 1 
ATOM 265 C CG2 . VAL A 1 38 ? 2.589   -4.732  8.256   1.00 98.03 ? 38 VAL A CG2 1 
ATOM 266 N N   . ASP A 1 39 ? 0.898   -5.400  5.731   1.00 98.75 ? 39 ASP A N   1 
ATOM 267 C CA  . ASP A 1 39 ? -0.057  -6.332  5.148   1.00 98.78 ? 39 ASP A CA  1 
ATOM 268 C C   . ASP A 1 39 ? -1.358  -6.345  5.937   1.00 98.71 ? 39 ASP A C   1 
ATOM 269 O O   . ASP A 1 39 ? -1.379  -6.073  7.140   1.00 98.48 ? 39 ASP A O   1 
ATOM 270 C CB  . ASP A 1 39 ? 0.530   -7.743  5.091   1.00 98.63 ? 39 ASP A CB  1 
ATOM 271 C CG  . ASP A 1 39 ? 1.680   -7.854  4.123   1.00 98.19 ? 39 ASP A CG  1 
ATOM 272 O OD1 . ASP A 1 39 ? 1.576   -7.279  3.021   1.00 95.80 ? 39 ASP A OD1 1 
ATOM 273 O OD2 . ASP A 1 39 ? 2.679   -8.528  4.450   1.00 95.42 ? 39 ASP A OD2 1 
ATOM 274 N N   . GLY A 1 40 ? -2.448  -6.662  5.244   1.00 98.63 ? 40 GLY A N   1 
ATOM 275 C CA  . GLY A 1 40 ? -3.760  -6.653  5.845   1.00 98.57 ? 40 GLY A CA  1 
ATOM 276 C C   . GLY A 1 40 ? -4.433  -5.302  5.884   1.00 98.61 ? 40 GLY A C   1 
ATOM 277 O O   . GLY A 1 40 ? -5.575  -5.211  6.351   1.00 98.33 ? 40 GLY A O   1 
ATOM 278 N N   . LYS A 1 41 ? -3.772  -4.250  5.408   1.00 98.55 ? 41 LYS A N   1 
ATOM 279 C CA  . LYS A 1 41 ? -4.364  -2.922  5.454   1.00 98.64 ? 41 LYS A CA  1 
ATOM 280 C C   . LYS A 1 41 ? -5.061  -2.607  4.136   1.00 98.62 ? 41 LYS A C   1 
ATOM 281 O O   . LYS A 1 41 ? -4.594  -2.985  3.058   1.00 98.49 ? 41 LYS A O   1 
ATOM 282 C CB  . LYS A 1 41 ? -3.299  -1.874  5.770   1.00 98.57 ? 41 LYS A CB  1 
ATOM 283 C CG  . LYS A 1 41 ? -2.613  -2.110  7.109   1.00 98.08 ? 41 LYS A CG  1 
ATOM 284 C CD  . LYS A 1 41 ? -3.621  -2.318  8.228   1.00 96.81 ? 41 LYS A CD  1 
ATOM 285 C CE  . LYS A 1 41 ? -2.937  -2.593  9.557   1.00 95.01 ? 41 LYS A CE  1 
ATOM 286 N NZ  . LYS A 1 41 ? -3.921  -2.711  10.666  1.00 91.12 ? 41 LYS A NZ  1 
ATOM 287 N N   . GLN A 1 42 ? -6.191  -1.916  4.235   1.00 98.65 ? 42 GLN A N   1 
ATOM 288 C CA  . GLN A 1 42 ? -7.126  -1.789  3.128   1.00 98.58 ? 42 GLN A CA  1 
ATOM 289 C C   . GLN A 1 42 ? -6.959  -0.460  2.400   1.00 98.76 ? 42 GLN A C   1 
ATOM 290 O O   . GLN A 1 42 ? -6.691  0.573   3.020   1.00 98.58 ? 42 GLN A O   1 
ATOM 291 C CB  . GLN A 1 42 ? -8.558  -1.923  3.649   1.00 98.03 ? 42 GLN A CB  1 
ATOM 292 C CG  . GLN A 1 42 ? -9.628  -1.777  2.591   1.00 93.65 ? 42 GLN A CG  1 
ATOM 293 C CD  . GLN A 1 42 ? -10.792 -0.926  3.054   1.00 88.29 ? 42 GLN A CD  1 
ATOM 294 O OE1 . GLN A 1 42 ? -11.005 -0.741  4.253   1.00 80.20 ? 42 GLN A OE1 1 
ATOM 295 N NE2 . GLN A 1 42 ? -11.546 -0.392  2.102   1.00 75.33 ? 42 GLN A NE2 1 
ATOM 296 N N   . TYR A 1 43 ? -7.126  -0.495  1.081   1.00 98.09 ? 43 TYR A N   1 
ATOM 297 C CA  . TYR A 1 43 ? -7.243  0.721   0.290   1.00 98.04 ? 43 TYR A CA  1 
ATOM 298 C C   . TYR A 1 43 ? -8.696  1.177   0.249   1.00 97.44 ? 43 TYR A C   1 
ATOM 299 O O   . TYR A 1 43 ? -9.623  0.380   0.420   1.00 96.13 ? 43 TYR A O   1 
ATOM 300 C CB  . TYR A 1 43 ? -6.747  0.525   -1.145  1.00 98.17 ? 43 TYR A CB  1 
ATOM 301 C CG  . TYR A 1 43 ? -5.264  0.267   -1.303  1.00 98.51 ? 43 TYR A CG  1 
ATOM 302 C CD1 . TYR A 1 43 ? -4.712  0.088   -2.562  1.00 98.15 ? 43 TYR A CD1 1 
ATOM 303 C CD2 . TYR A 1 43 ? -4.423  0.194   -0.204  1.00 98.18 ? 43 TYR A CD2 1 
ATOM 304 C CE1 . TYR A 1 43 ? -3.365  -0.143  -2.726  1.00 98.09 ? 43 TYR A CE1 1 
ATOM 305 C CE2 . TYR A 1 43 ? -3.071  -0.042  -0.356  1.00 98.11 ? 43 TYR A CE2 1 
ATOM 306 C CZ  . TYR A 1 43 ? -2.547  -0.212  -1.621  1.00 98.41 ? 43 TYR A CZ  1 
ATOM 307 O OH  . TYR A 1 43 ? -1.203  -0.445  -1.786  1.00 98.19 ? 43 TYR A OH  1 
ATOM 308 N N   . ALA A 1 44 ? -8.886  2.473   0.009   1.00 96.87 ? 44 ALA A N   1 
ATOM 309 C CA  . ALA A 1 44 ? -10.229 3.019   -0.137  1.00 95.96 ? 44 ALA A CA  1 
ATOM 310 C C   . ALA A 1 44 ? -10.960 2.333   -1.284  1.00 96.20 ? 44 ALA A C   1 
ATOM 311 O O   . ALA A 1 44 ? -10.362 1.620   -2.094  1.00 95.97 ? 44 ALA A O   1 
ATOM 312 C CB  . ALA A 1 44 ? -10.168 4.528   -0.376  1.00 94.69 ? 44 ALA A CB  1 
ATOM 313 N N   . GLN A 1 45 ? -12.272 2.527   -1.337  1.00 97.58 ? 45 GLN A N   1 
ATOM 314 C CA  . GLN A 1 45 ? -13.058 1.920   -2.398  1.00 97.47 ? 45 GLN A CA  1 
ATOM 315 C C   . GLN A 1 45 ? -12.999 2.763   -3.668  1.00 97.37 ? 45 GLN A C   1 
ATOM 316 O O   . GLN A 1 45 ? -12.933 3.995   -3.622  1.00 96.76 ? 45 GLN A O   1 
ATOM 317 C CB  . GLN A 1 45 ? -14.509 1.740   -1.954  1.00 97.05 ? 45 GLN A CB  1 
ATOM 318 C CG  . GLN A 1 45 ? -14.670 0.870   -0.721  1.00 95.45 ? 45 GLN A CG  1 
ATOM 319 C CD  . GLN A 1 45 ? -14.474 -0.603  -1.019  1.00 93.85 ? 45 GLN A CD  1 
ATOM 320 O OE1 . GLN A 1 45 ? -14.918 -1.104  -2.051  1.00 88.08 ? 45 GLN A OE1 1 
ATOM 321 N NE2 . GLN A 1 45 ? -13.809 -1.305  -0.110  1.00 85.98 ? 45 GLN A NE2 1 
ATOM 322 N N   . HIS A 1 46 ? -13.011 2.081   -4.812  1.00 97.23 ? 46 HIS A N   1 
ATOM 323 C CA  . HIS A 1 46 ? -13.137 2.742   -6.103  1.00 97.23 ? 46 HIS A CA  1 
ATOM 324 C C   . HIS A 1 46 ? -14.033 1.904   -7.002  1.00 97.59 ? 46 HIS A C   1 
ATOM 325 O O   . HIS A 1 46 ? -14.135 0.684   -6.853  1.00 97.39 ? 46 HIS A O   1 
ATOM 326 C CB  . HIS A 1 46 ? -11.769 2.997   -6.765  1.00 96.77 ? 46 HIS A CB  1 
ATOM 327 C CG  . HIS A 1 46 ? -10.974 1.758   -7.052  1.00 97.28 ? 46 HIS A CG  1 
ATOM 328 N ND1 . HIS A 1 46 ? -9.761  1.794   -7.705  1.00 95.74 ? 46 HIS A ND1 1 
ATOM 329 C CD2 . HIS A 1 46 ? -11.205 0.456   -6.761  1.00 95.50 ? 46 HIS A CD2 1 
ATOM 330 C CE1 . HIS A 1 46 ? -9.282  0.568   -7.812  1.00 95.19 ? 46 HIS A CE1 1 
ATOM 331 N NE2 . HIS A 1 46 ? -10.140 -0.263  -7.248  1.00 95.08 ? 46 HIS A NE2 1 
ATOM 332 N N   . THR A 1 47 ? -14.700 2.582   -7.931  1.00 97.56 ? 47 THR A N   1 
ATOM 333 C CA  . THR A 1 47 ? -15.657 1.946   -8.821  1.00 97.56 ? 47 THR A CA  1 
ATOM 334 C C   . THR A 1 47 ? -15.460 2.447   -10.244 1.00 97.86 ? 47 THR A C   1 
ATOM 335 O O   . THR A 1 47 ? -15.021 3.578   -10.468 1.00 97.56 ? 47 THR A O   1 
ATOM 336 C CB  . THR A 1 47 ? -17.103 2.209   -8.375  1.00 96.80 ? 47 THR A CB  1 
ATOM 337 O OG1 . THR A 1 47 ? -18.009 1.589   -9.295  1.00 90.51 ? 47 THR A OG1 1 
ATOM 338 C CG2 . THR A 1 47 ? -17.385 3.703   -8.313  1.00 90.12 ? 47 THR A CG2 1 
ATOM 339 N N   . ASP A 1 48 ? -15.792 1.588   -11.206 1.00 97.35 ? 48 ASP A N   1 
ATOM 340 C CA  . ASP A 1 48 ? -15.739 1.929   -12.620 1.00 97.33 ? 48 ASP A CA  1 
ATOM 341 C C   . ASP A 1 48 ? -17.087 2.397   -13.150 1.00 97.52 ? 48 ASP A C   1 
ATOM 342 O O   . ASP A 1 48 ? -17.250 2.558   -14.364 1.00 96.53 ? 48 ASP A O   1 
ATOM 343 C CB  . ASP A 1 48 ? -15.242 0.734   -13.434 1.00 97.00 ? 48 ASP A CB  1 
ATOM 344 C CG  . ASP A 1 48 ? -16.029 -0.531  -13.152 1.00 96.81 ? 48 ASP A CG  1 
ATOM 345 O OD1 . ASP A 1 48 ? -16.834 -0.534  -12.197 1.00 95.26 ? 48 ASP A OD1 1 
ATOM 346 O OD2 . ASP A 1 48 ? -15.843 -1.525  -13.886 1.00 94.18 ? 48 ASP A OD2 1 
ATOM 347 N N   . GLY A 1 49 ? -18.056 2.620   -12.264 1.00 97.28 ? 49 GLY A N   1 
ATOM 348 C CA  . GLY A 1 49 ? -19.423 2.860   -12.664 1.00 96.91 ? 49 GLY A CA  1 
ATOM 349 C C   . GLY A 1 49 ? -20.247 1.607   -12.856 1.00 97.37 ? 49 GLY A C   1 
ATOM 350 O O   . GLY A 1 49 ? -21.438 1.710   -13.183 1.00 95.94 ? 49 GLY A O   1 
ATOM 351 N N   . ASN A 1 50 ? -19.655 0.429   -12.663 1.00 97.54 ? 50 ASN A N   1 
ATOM 352 C CA  . ASN A 1 50 ? -20.359 -0.837  -12.819 1.00 97.52 ? 50 ASN A CA  1 
ATOM 353 C C   . ASN A 1 50 ? -20.286 -1.640  -11.525 1.00 97.66 ? 50 ASN A C   1 
ATOM 354 O O   . ASN A 1 50 ? -21.272 -2.259  -11.113 1.00 96.40 ? 50 ASN A O   1 
ATOM 355 C CB  . ASN A 1 50 ? -19.767 -1.628  -13.989 1.00 96.80 ? 50 ASN A CB  1 
ATOM 356 C CG  . ASN A 1 50 ? -20.103 -3.106  -13.931 1.00 91.56 ? 50 ASN A CG  1 
ATOM 357 O OD1 . ASN A 1 50 ? -21.229 -3.491  -13.613 1.00 80.73 ? 50 ASN A OD1 1 
ATOM 358 N ND2 . ASN A 1 50 ? -19.121 -3.945  -14.240 1.00 80.00 ? 50 ASN A ND2 1 
ATOM 359 N N   . SER A 1 51 ? -19.124 -1.628  -10.875 1.00 97.79 ? 51 SER A N   1 
ATOM 360 C CA  . SER A 1 51 ? -18.920 -2.356  -9.629  1.00 97.43 ? 51 SER A CA  1 
ATOM 361 C C   . SER A 1 51 ? -17.879 -1.628  -8.791  1.00 97.82 ? 51 SER A C   1 
ATOM 362 O O   . SER A 1 51 ? -17.061 -0.864  -9.307  1.00 97.41 ? 51 SER A O   1 
ATOM 363 C CB  . SER A 1 51 ? -18.479 -3.802  -9.886  1.00 96.26 ? 51 SER A CB  1 
ATOM 364 O OG  . SER A 1 51 ? -17.258 -3.842  -10.603 1.00 89.18 ? 51 SER A OG  1 
ATOM 365 N N   . THR A 1 52 ? -17.913 -1.883  -7.486  1.00 98.09 ? 52 THR A N   1 
ATOM 366 C CA  . THR A 1 52 ? -17.024 -1.239  -6.526  1.00 98.02 ? 52 THR A CA  1 
ATOM 367 C C   . THR A 1 52 ? -15.941 -2.217  -6.093  1.00 97.96 ? 52 THR A C   1 
ATOM 368 O O   . THR A 1 52 ? -16.233 -3.378  -5.784  1.00 97.40 ? 52 THR A O   1 
ATOM 369 C CB  . THR A 1 52 ? -17.803 -0.743  -5.305  1.00 97.48 ? 52 THR A CB  1 
ATOM 370 O OG1 . THR A 1 52 ? -18.886 0.091   -5.733  1.00 94.71 ? 52 THR A OG1 1 
ATOM 371 C CG2 . THR A 1 52 ? -16.894 0.056   -4.383  1.00 94.17 ? 52 THR A CG2 1 
ATOM 372 N N   . HIS A 1 53 ? -14.694 -1.749  -6.072  1.00 97.28 ? 53 HIS A N   1 
ATOM 373 C CA  . HIS A 1 53 ? -13.553 -2.562  -5.680  1.00 97.21 ? 53 HIS A CA  1 
ATOM 374 C C   . HIS A 1 53 ? -12.821 -1.908  -4.517  1.00 97.24 ? 53 HIS A C   1 
ATOM 375 O O   . HIS A 1 53 ? -12.685 -0.684  -4.455  1.00 96.82 ? 53 HIS A O   1 
ATOM 376 C CB  . HIS A 1 53 ? -12.576 -2.775  -6.847  1.00 96.81 ? 53 HIS A CB  1 
ATOM 377 C CG  . HIS A 1 53 ? -13.080 -3.714  -7.898  1.00 97.04 ? 53 HIS A CG  1 
ATOM 378 N ND1 . HIS A 1 53 ? -14.420 -3.967  -8.091  1.00 93.44 ? 53 HIS A ND1 1 
ATOM 379 C CD2 . HIS A 1 53 ? -12.421 -4.462  -8.813  1.00 94.08 ? 53 HIS A CD2 1 
ATOM 380 C CE1 . HIS A 1 53 ? -14.566 -4.832  -9.079  1.00 93.55 ? 53 HIS A CE1 1 
ATOM 381 N NE2 . HIS A 1 53 ? -13.366 -5.147  -9.536  1.00 94.47 ? 53 HIS A NE2 1 
ATOM 382 N N   . GLY A 1 54 ? -12.361 -2.738  -3.591  1.00 96.93 ? 54 GLY A N   1 
ATOM 383 C CA  . GLY A 1 54 ? -11.550 -2.309  -2.463  1.00 96.41 ? 54 GLY A CA  1 
ATOM 384 C C   . GLY A 1 54 ? -10.072 -2.479  -2.738  1.00 97.01 ? 54 GLY A C   1 
ATOM 385 O O   . GLY A 1 54 ? -9.536  -1.941  -3.714  1.00 96.42 ? 54 GLY A O   1 
ATOM 386 N N   . GLY A 1 55 ? -9.404  -3.237  -1.874  1.00 97.51 ? 55 GLY A N   1 
ATOM 387 C CA  . GLY A 1 55 ? -8.010  -3.567  -2.098  1.00 97.73 ? 55 GLY A CA  1 
ATOM 388 C C   . GLY A 1 55 ? -7.220  -3.857  -0.839  1.00 98.14 ? 55 GLY A C   1 
ATOM 389 O O   . GLY A 1 55 ? -7.333  -3.135  0.157   1.00 97.88 ? 55 GLY A O   1 
ATOM 390 N N   . GLN A 1 56 ? -6.410  -4.911  -0.878  1.00 98.41 ? 56 GLN A N   1 
ATOM 391 C CA  . GLN A 1 56 ? -5.539  -5.286  0.225   1.00 98.43 ? 56 GLN A CA  1 
ATOM 392 C C   . GLN A 1 56 ? -4.107  -5.426  -0.272  1.00 98.69 ? 56 GLN A C   1 
ATOM 393 O O   . GLN A 1 56 ? -3.861  -6.014  -1.328  1.00 98.52 ? 56 GLN A O   1 
ATOM 394 C CB  . GLN A 1 56 ? -5.994  -6.600  0.866   1.00 97.06 ? 56 GLN A CB  1 
ATOM 395 C CG  . GLN A 1 56 ? -7.493  -6.720  1.074   1.00 87.80 ? 56 GLN A CG  1 
ATOM 396 C CD  . GLN A 1 56 ? -8.083  -5.527  1.800   1.00 87.74 ? 56 GLN A CD  1 
ATOM 397 O OE1 . GLN A 1 56 ? -7.499  -5.016  2.755   1.00 79.42 ? 56 GLN A OE1 1 
ATOM 398 N NE2 . GLN A 1 56 ? -9.244  -5.070  1.343   1.00 75.61 ? 56 GLN A NE2 1 
ATOM 399 N N   . ALA A 1 57 ? -3.166  -4.888  0.499   1.00 98.72 ? 57 ALA A N   1 
ATOM 400 C CA  . ALA A 1 57 ? -1.765  -4.941  0.107   1.00 98.72 ? 57 ALA A CA  1 
ATOM 401 C C   . ALA A 1 57 ? -1.201  -6.342  0.311   1.00 98.75 ? 57 ALA A C   1 
ATOM 402 O O   . ALA A 1 57 ? -1.609  -7.070  1.221   1.00 98.55 ? 57 ALA A O   1 
ATOM 403 C CB  . ALA A 1 57 ? -0.954  -3.921  0.906   1.00 98.56 ? 57 ALA A CB  1 
ATOM 404 N N   . ILE A 1 58 ? -0.259  -6.719  -0.550  1.00 98.87 ? 58 ILE A N   1 
ATOM 405 C CA  . ILE A 1 58 ? 0.422   -8.009  -0.485  1.00 98.73 ? 58 ILE A CA  1 
ATOM 406 C C   . ILE A 1 58 ? 1.919   -7.751  -0.574  1.00 98.78 ? 58 ILE A C   1 
ATOM 407 O O   . ILE A 1 58 ? 2.422   -7.347  -1.630  1.00 98.69 ? 58 ILE A O   1 
ATOM 408 C CB  . ILE A 1 58 ? -0.035  -8.958  -1.604  1.00 98.62 ? 58 ILE A CB  1 
ATOM 409 C CG1 . ILE A 1 58 ? -1.556  -9.112  -1.596  1.00 97.82 ? 58 ILE A CG1 1 
ATOM 410 C CG2 . ILE A 1 58 ? 0.638   -10.314 -1.455  1.00 97.89 ? 58 ILE A CG2 1 
ATOM 411 C CD1 . ILE A 1 58 ? -2.099  -9.856  -2.797  1.00 94.55 ? 58 ILE A CD1 1 
ATOM 412 N N   . SER A 1 59 ? 2.631   -7.990  0.525   1.00 98.76 ? 59 SER A N   1 
ATOM 413 C CA  . SER A 1 59 ? 4.060   -7.710  0.571   1.00 98.62 ? 59 SER A CA  1 
ATOM 414 C C   . SER A 1 59 ? 4.851   -8.793  -0.152  1.00 98.62 ? 59 SER A C   1 
ATOM 415 O O   . SER A 1 59 ? 4.472   -9.968  -0.142  1.00 98.22 ? 59 SER A O   1 
ATOM 416 C CB  . SER A 1 59 ? 4.533   -7.597  2.018   1.00 98.50 ? 59 SER A CB  1 
ATOM 417 O OG  . SER A 1 59 ? 5.931   -7.379  2.079   1.00 96.98 ? 59 SER A OG  1 
ATOM 418 N N   . THR A 1 60 ? 5.953   -8.392  -0.783  1.00 98.44 ? 60 THR A N   1 
ATOM 419 C CA  . THR A 1 60 ? 6.894   -9.317  -1.398  1.00 97.90 ? 60 THR A CA  1 
ATOM 420 C C   . THR A 1 60 ? 8.224   -9.378  -0.660  1.00 97.33 ? 60 THR A C   1 
ATOM 421 O O   . THR A 1 60 ? 9.187   -9.944  -1.186  1.00 95.97 ? 60 THR A O   1 
ATOM 422 C CB  . THR A 1 60 ? 7.137   -8.933  -2.861  1.00 97.74 ? 60 THR A CB  1 
ATOM 423 O OG1 . THR A 1 60 ? 7.951   -7.754  -2.920  1.00 96.50 ? 60 THR A OG1 1 
ATOM 424 C CG2 . THR A 1 60 ? 5.816   -8.669  -3.566  1.00 95.43 ? 60 THR A CG2 1 
ATOM 425 N N   . ARG A 1 61 ? 8.299   -8.814  0.544   1.00 96.57 ? 61 ARG A N   1 
ATOM 426 C CA  . ARG A 1 61 ? 9.517   -8.786  1.350   1.00 95.01 ? 61 ARG A CA  1 
ATOM 427 C C   . ARG A 1 61 ? 9.208   -9.351  2.738   1.00 94.24 ? 61 ARG A C   1 
ATOM 428 O O   . ARG A 1 61 ? 9.506   -8.748  3.769   1.00 91.93 ? 61 ARG A O   1 
ATOM 429 C CB  . ARG A 1 61 ? 10.090  -7.375  1.439   1.00 93.20 ? 61 ARG A CB  1 
ATOM 430 C CG  . ARG A 1 61 ? 10.605  -6.838  0.118   1.00 90.64 ? 61 ARG A CG  1 
ATOM 431 C CD  . ARG A 1 61 ? 11.649  -7.761  -0.490  1.00 90.51 ? 61 ARG A CD  1 
ATOM 432 N NE  . ARG A 1 61 ? 12.824  -7.900  0.363   1.00 90.43 ? 61 ARG A NE  1 
ATOM 433 C CZ  . ARG A 1 61 ? 14.056  -8.101  -0.087  1.00 90.60 ? 61 ARG A CZ  1 
ATOM 434 N NH1 . ARG A 1 61 ? 14.311  -8.195  -1.381  1.00 82.61 ? 61 ARG A NH1 1 
ATOM 435 N NH2 . ARG A 1 61 ? 15.056  -8.207  0.783   1.00 83.78 ? 61 ARG A NH2 1 
ATOM 436 N N   . ALA A 1 62 ? 8.589   -10.533 2.751   1.00 93.01 ? 62 ALA A N   1 
ATOM 437 C CA  . ALA A 1 62 ? 8.075   -11.128 3.979   1.00 91.99 ? 62 ALA A CA  1 
ATOM 438 C C   . ALA A 1 62 ? 9.157   -11.397 5.016   1.00 93.31 ? 62 ALA A C   1 
ATOM 439 O O   . ALA A 1 62 ? 8.823   -11.595 6.189   1.00 90.61 ? 62 ALA A O   1 
ATOM 440 C CB  . ALA A 1 62 ? 7.338   -12.428 3.655   1.00 88.87 ? 62 ALA A CB  1 
ATOM 441 N N   . TRP A 1 63 ? 10.432  -11.423 4.625   1.00 96.60 ? 63 TRP A N   1 
ATOM 442 C CA  . TRP A 1 63 ? 11.507  -11.604 5.591   1.00 96.48 ? 63 TRP A CA  1 
ATOM 443 C C   . TRP A 1 63 ? 11.545  -10.501 6.641   1.00 96.57 ? 63 TRP A C   1 
ATOM 444 O O   . TRP A 1 63 ? 11.819  -10.790 7.810   1.00 95.29 ? 63 TRP A O   1 
ATOM 445 C CB  . TRP A 1 63 ? 12.860  -11.678 4.873   1.00 95.34 ? 63 TRP A CB  1 
ATOM 446 C CG  . TRP A 1 63 ? 13.464  -10.334 4.570   1.00 92.97 ? 63 TRP A CG  1 
ATOM 447 C CD1 . TRP A 1 63 ? 13.312  -9.608  3.425   1.00 87.37 ? 63 TRP A CD1 1 
ATOM 448 C CD2 . TRP A 1 63 ? 14.315  -9.560  5.426   1.00 90.85 ? 63 TRP A CD2 1 
ATOM 449 N NE1 . TRP A 1 63 ? 14.011  -8.429  3.516   1.00 84.08 ? 63 TRP A NE1 1 
ATOM 450 C CE2 . TRP A 1 63 ? 14.636  -8.376  4.733   1.00 88.73 ? 63 TRP A CE2 1 
ATOM 451 C CE3 . TRP A 1 63 ? 14.834  -9.752  6.709   1.00 82.87 ? 63 TRP A CE3 1 
ATOM 452 C CZ2 . TRP A 1 63 ? 15.452  -7.389  5.282   1.00 83.73 ? 63 TRP A CZ2 1 
ATOM 453 C CZ3 . TRP A 1 63 ? 15.643  -8.771  7.251   1.00 80.62 ? 63 TRP A CZ3 1 
ATOM 454 C CH2 . TRP A 1 63 ? 15.945  -7.605  6.539   1.00 80.47 ? 63 TRP A CH2 1 
ATOM 455 N N   . PHE A 1 64 ? 11.280  -9.253  6.255   1.00 96.45 ? 64 PHE A N   1 
ATOM 456 C CA  . PHE A 1 64 ? 11.395  -8.096  7.139   1.00 97.00 ? 64 PHE A CA  1 
ATOM 457 C C   . PHE A 1 64 ? 9.982   -7.767  7.610   1.00 97.80 ? 64 PHE A C   1 
ATOM 458 O O   . PHE A 1 64 ? 9.149   -7.307  6.824   1.00 97.63 ? 64 PHE A O   1 
ATOM 459 C CB  . PHE A 1 64 ? 12.053  -6.926  6.406   1.00 95.58 ? 64 PHE A CB  1 
ATOM 460 C CG  . PHE A 1 64 ? 11.614  -5.560  6.878   1.00 95.54 ? 64 PHE A CG  1 
ATOM 461 C CD1 . PHE A 1 64 ? 11.567  -5.246  8.230   1.00 90.71 ? 64 PHE A CD1 1 
ATOM 462 C CD2 . PHE A 1 64 ? 11.249  -4.590  5.961   1.00 91.79 ? 64 PHE A CD2 1 
ATOM 463 C CE1 . PHE A 1 64 ? 11.165  -3.994  8.652   1.00 87.57 ? 64 PHE A CE1 1 
ATOM 464 C CE2 . PHE A 1 64 ? 10.846  -3.334  6.378   1.00 87.56 ? 64 PHE A CE2 1 
ATOM 465 C CZ  . PHE A 1 64 ? 10.804  -3.037  7.726   1.00 86.53 ? 64 PHE A CZ  1 
ATOM 466 N N   . THR A 1 65 ? 9.718   -8.005  8.890   1.00 98.04 ? 65 THR A N   1 
ATOM 467 C CA  . THR A 1 65 ? 8.414   -7.748  9.482   1.00 98.16 ? 65 THR A CA  1 
ATOM 468 C C   . THR A 1 65 ? 8.552   -6.886  10.729  1.00 98.13 ? 65 THR A C   1 
ATOM 469 O O   . THR A 1 65 ? 9.472   -7.065  11.533  1.00 97.73 ? 65 THR A O   1 
ATOM 470 C CB  . THR A 1 65 ? 7.700   -9.054  9.852   1.00 97.77 ? 65 THR A CB  1 
ATOM 471 O OG1 . THR A 1 65 ? 8.401   -9.698  10.924  1.00 94.81 ? 65 THR A OG1 1 
ATOM 472 C CG2 . THR A 1 65 ? 7.628   -9.991  8.660   1.00 93.65 ? 65 THR A CG2 1 
ATOM 473 N N   . VAL A 1 66 ? 7.625   -5.944  10.882  1.00 98.10 ? 66 VAL A N   1 
ATOM 474 C CA  . VAL A 1 66 ? 7.460   -5.190  12.118  1.00 98.19 ? 66 VAL A CA  1 
ATOM 475 C C   . VAL A 1 66 ? 6.080   -5.531  12.663  1.00 98.09 ? 66 VAL A C   1 
ATOM 476 O O   . VAL A 1 66 ? 5.128   -5.706  11.891  1.00 97.46 ? 66 VAL A O   1 
ATOM 477 C CB  . VAL A 1 66 ? 7.631   -3.674  11.912  1.00 97.89 ? 66 VAL A CB  1 
ATOM 478 C CG1 . VAL A 1 66 ? 6.419   -3.059  11.229  1.00 96.86 ? 66 VAL A CG1 1 
ATOM 479 C CG2 . VAL A 1 66 ? 7.901   -2.994  13.245  1.00 97.01 ? 66 VAL A CG2 1 
ATOM 480 N N   . ASN A 1 67 ? 5.994   -5.697  13.983  1.00 97.58 ? 67 ASN A N   1 
ATOM 481 C CA  . ASN A 1 67 ? 4.767   -6.141  14.648  1.00 97.25 ? 67 ASN A CA  1 
ATOM 482 C C   . ASN A 1 67 ? 4.383   -7.543  14.161  1.00 97.45 ? 67 ASN A C   1 
ATOM 483 O O   . ASN A 1 67 ? 3.279   -8.038  14.395  1.00 96.54 ? 67 ASN A O   1 
ATOM 484 C CB  . ASN A 1 67 ? 3.637   -5.119  14.441  1.00 96.61 ? 67 ASN A CB  1 
ATOM 485 C CG  . ASN A 1 67 ? 2.315   -5.556  15.045  1.00 94.85 ? 67 ASN A CG  1 
ATOM 486 O OD1 . ASN A 1 67 ? 2.228   -5.838  16.240  1.00 91.92 ? 67 ASN A OD1 1 
ATOM 487 N ND2 . ASN A 1 67 ? 1.278   -5.615  14.218  1.00 91.01 ? 67 ASN A ND2 1 
ATOM 488 N N   . GLY A 1 68 ? 5.330   -8.207  13.499  1.00 98.00 ? 68 GLY A N   1 
ATOM 489 C CA  . GLY A 1 68 ? 5.150   -9.561  13.019  1.00 97.90 ? 68 GLY A CA  1 
ATOM 490 C C   . GLY A 1 68 ? 4.421   -9.710  11.701  1.00 98.25 ? 68 GLY A C   1 
ATOM 491 O O   . GLY A 1 68 ? 4.016   -10.828 11.366  1.00 97.86 ? 68 GLY A O   1 
ATOM 492 N N   . LYS A 1 69 ? 4.247   -8.636  10.938  1.00 98.37 ? 69 LYS A N   1 
ATOM 493 C CA  . LYS A 1 69 ? 3.565   -8.683  9.652   1.00 98.42 ? 69 LYS A CA  1 
ATOM 494 C C   . LYS A 1 69 ? 4.478   -8.140  8.559   1.00 98.53 ? 69 LYS A C   1 
ATOM 495 O O   . LYS A 1 69 ? 5.243   -7.199  8.792   1.00 98.34 ? 69 LYS A O   1 
ATOM 496 C CB  . LYS A 1 69 ? 2.263   -7.875  9.688   1.00 98.29 ? 69 LYS A CB  1 
ATOM 497 C CG  . LYS A 1 69 ? 1.429   -8.032  10.951  1.00 96.86 ? 69 LYS A CG  1 
ATOM 498 C CD  . LYS A 1 69 ? 1.089   -9.484  11.230  1.00 91.34 ? 69 LYS A CD  1 
ATOM 499 C CE  . LYS A 1 69 ? 0.103   -10.027 10.210  1.00 85.81 ? 69 LYS A CE  1 
ATOM 500 N NZ  . LYS A 1 69 ? -1.157  -9.236  10.162  1.00 74.35 ? 69 LYS A NZ  1 
ATOM 501 N N   . GLY A 1 70 ? 4.383   -8.726  7.368   1.00 98.55 ? 70 GLY A N   1 
ATOM 502 C CA  . GLY A 1 70 ? 5.274   -8.335  6.288   1.00 98.53 ? 70 GLY A CA  1 
ATOM 503 C C   . GLY A 1 70 ? 5.054   -6.892  5.867   1.00 98.79 ? 70 GLY A C   1 
ATOM 504 O O   . GLY A 1 70 ? 3.945   -6.360  5.953   1.00 98.56 ? 70 GLY A O   1 
ATOM 505 N N   . ILE A 1 71 ? 6.129   -6.255  5.396   1.00 98.67 ? 71 ILE A N   1 
ATOM 506 C CA  . ILE A 1 71 ? 6.072   -4.837  5.057   1.00 98.67 ? 71 ILE A CA  1 
ATOM 507 C C   . ILE A 1 71 ? 5.940   -4.659  3.549   1.00 98.78 ? 71 ILE A C   1 
ATOM 508 O O   . ILE A 1 71 ? 6.609   -5.331  2.752   1.00 98.65 ? 71 ILE A O   1 
ATOM 509 C CB  . ILE A 1 71 ? 7.311   -4.094  5.591   1.00 97.76 ? 71 ILE A CB  1 
ATOM 510 C CG1 . ILE A 1 71 ? 7.564   -4.449  7.056   1.00 78.06 ? 71 ILE A CG1 1 
ATOM 511 C CG2 . ILE A 1 71 ? 7.125   -2.590  5.458   1.00 74.37 ? 71 ILE A CG2 1 
ATOM 512 C CD1 . ILE A 1 71 ? 6.334   -4.352  7.925   1.00 71.00 ? 71 ILE A CD1 1 
ATOM 513 N N   . VAL A 1 72 ? 5.079   -3.724  3.155   1.00 98.88 ? 72 VAL A N   1 
ATOM 514 C CA  . VAL A 1 72 ? 4.752   -3.463  1.757   1.00 98.89 ? 72 VAL A CA  1 
ATOM 515 C C   . VAL A 1 72 ? 5.574   -2.282  1.263   1.00 98.82 ? 72 VAL A C   1 
ATOM 516 O O   . VAL A 1 72 ? 5.776   -1.301  1.989   1.00 98.80 ? 72 VAL A O   1 
ATOM 517 C CB  . VAL A 1 72 ? 3.244   -3.192  1.590   1.00 98.79 ? 72 VAL A CB  1 
ATOM 518 C CG1 . VAL A 1 72 ? 2.893   -2.972  0.127   1.00 98.44 ? 72 VAL A CG1 1 
ATOM 519 C CG2 . VAL A 1 72 ? 2.437   -4.335  2.174   1.00 98.48 ? 72 VAL A CG2 1 
ATOM 520 N N   . CYS A 1 73 ? 6.048   -2.374  0.024   1.00 98.86 ? 73 CYS A N   1 
ATOM 521 C CA  . CYS A 1 73 ? 6.846   -1.332  -0.602  1.00 98.88 ? 73 CYS A CA  1 
ATOM 522 C C   . CYS A 1 73 ? 6.242   -0.973  -1.953  1.00 98.85 ? 73 CYS A C   1 
ATOM 523 O O   . CYS A 1 73 ? 5.117   -1.357  -2.281  1.00 98.77 ? 73 CYS A O   1 
ATOM 524 C CB  . CYS A 1 73 ? 8.307   -1.774  -0.768  1.00 98.66 ? 73 CYS A CB  1 
ATOM 525 S SG  . CYS A 1 73 ? 9.128   -2.223  0.777   1.00 98.06 ? 73 CYS A SG  1 
ATOM 526 N N   . VAL A 1 74 ? 7.000   -0.205  -2.737  1.00 98.89 ? 74 VAL A N   1 
ATOM 527 C CA  . VAL A 1 74 ? 6.540   0.178   -4.067  1.00 98.85 ? 74 VAL A CA  1 
ATOM 528 C C   . VAL A 1 74 ? 6.689   -0.999  -5.018  1.00 98.87 ? 74 VAL A C   1 
ATOM 529 O O   . VAL A 1 74 ? 7.744   -1.642  -5.079  1.00 98.61 ? 74 VAL A O   1 
ATOM 530 C CB  . VAL A 1 74 ? 7.316   1.404   -4.569  1.00 98.77 ? 74 VAL A CB  1 
ATOM 531 C CG1 . VAL A 1 74 ? 6.990   1.681   -6.030  1.00 98.19 ? 74 VAL A CG1 1 
ATOM 532 C CG2 . VAL A 1 74 ? 6.998   2.617   -3.714  1.00 98.23 ? 74 VAL A CG2 1 
ATOM 533 N N   . GLY A 1 75 ? 5.626   -1.285  -5.773  1.00 98.71 ? 75 GLY A N   1 
ATOM 534 C CA  . GLY A 1 75 ? 5.663   -2.302  -6.799  1.00 98.67 ? 75 GLY A CA  1 
ATOM 535 C C   . GLY A 1 75 ? 4.879   -3.561  -6.503  1.00 98.77 ? 75 GLY A C   1 
ATOM 536 O O   . GLY A 1 75 ? 4.796   -4.436  -7.374  1.00 98.48 ? 75 GLY A O   1 
ATOM 537 N N   . ASP A 1 76 ? 4.305   -3.690  -5.310  1.00 98.79 ? 76 ASP A N   1 
ATOM 538 C CA  . ASP A 1 76 ? 3.605   -4.915  -4.963  1.00 98.80 ? 76 ASP A CA  1 
ATOM 539 C C   . ASP A 1 76 ? 2.136   -4.838  -5.378  1.00 98.85 ? 76 ASP A C   1 
ATOM 540 O O   . ASP A 1 76 ? 1.439   -3.867  -5.061  1.00 98.84 ? 76 ASP A O   1 
ATOM 541 C CB  . ASP A 1 76 ? 3.716   -5.193  -3.466  1.00 98.79 ? 76 ASP A CB  1 
ATOM 542 C CG  . ASP A 1 76 ? 5.092   -4.883  -2.918  1.00 98.63 ? 76 ASP A CG  1 
ATOM 543 O OD1 . ASP A 1 76 ? 5.190   -4.042  -2.003  1.00 97.86 ? 76 ASP A OD1 1 
ATOM 544 O OD2 . ASP A 1 76 ? 6.079   -5.472  -3.406  1.00 97.58 ? 76 ASP A OD2 1 
ATOM 545 N N   . PRO A 1 77 ? 1.645   -5.846  -6.095  1.00 98.85 ? 77 PRO A N   1 
ATOM 546 C CA  . PRO A 1 77 ? 0.239   -5.842  -6.518  1.00 98.80 ? 77 PRO A CA  1 
ATOM 547 C C   . PRO A 1 77 ? -0.719  -5.844  -5.337  1.00 98.86 ? 77 PRO A C   1 
ATOM 548 O O   . PRO A 1 77 ? -0.369  -6.217  -4.215  1.00 98.74 ? 77 PRO A O   1 
ATOM 549 C CB  . PRO A 1 77 ? 0.097   -7.133  -7.333  1.00 98.56 ? 77 PRO A CB  1 
ATOM 550 C CG  . PRO A 1 77 ? 1.454   -7.749  -7.417  1.00 97.14 ? 77 PRO A CG  1 
ATOM 551 C CD  . PRO A 1 77 ? 2.460   -6.835  -6.816  1.00 98.57 ? 77 PRO A CD  1 
ATOM 552 N N   . VAL A 1 78 ? -1.953  -5.431  -5.615  1.00 98.67 ? 78 VAL A N   1 
ATOM 553 C CA  . VAL A 1 78 ? -3.000  -5.296  -4.610  1.00 98.60 ? 78 VAL A CA  1 
ATOM 554 C C   . VAL A 1 78 ? -4.093  -6.309  -4.922  1.00 98.57 ? 78 VAL A C   1 
ATOM 555 O O   . VAL A 1 78 ? -4.201  -6.788  -6.057  1.00 98.36 ? 78 VAL A O   1 
ATOM 556 C CB  . VAL A 1 78 ? -3.554  -3.857  -4.588  1.00 98.58 ? 78 VAL A CB  1 
ATOM 557 C CG1 . VAL A 1 78 ? -4.459  -3.627  -3.383  1.00 98.12 ? 78 VAL A CG1 1 
ATOM 558 C CG2 . VAL A 1 78 ? -2.412  -2.855  -4.610  1.00 98.05 ? 78 VAL A CG2 1 
ATOM 559 N N   . SER A 1 79 ? -4.901  -6.642  -3.912  1.00 98.73 ? 79 SER A N   1 
ATOM 560 C CA  . SER A 1 79 ? -5.938  -7.656  -4.083  1.00 98.54 ? 79 SER A CA  1 
ATOM 561 C C   . SER A 1 79 ? -7.005  -7.241  -5.086  1.00 98.27 ? 79 SER A C   1 
ATOM 562 O O   . SER A 1 79 ? -7.743  -8.101  -5.576  1.00 96.90 ? 79 SER A O   1 
ATOM 563 C CB  . SER A 1 79 ? -6.597  -7.971  -2.739  1.00 98.26 ? 79 SER A CB  1 
ATOM 564 O OG  . SER A 1 79 ? -7.360  -6.870  -2.278  1.00 96.91 ? 79 SER A OG  1 
ATOM 565 N N   . CYS A 1 80 ? -7.114  -5.949  -5.395  1.00 97.91 ? 80 CYS A N   1 
ATOM 566 C CA  . CYS A 1 80 ? -8.054  -5.492  -6.408  1.00 97.16 ? 80 CYS A CA  1 
ATOM 567 C C   . CYS A 1 80 ? -7.442  -5.441  -7.801  1.00 96.60 ? 80 CYS A C   1 
ATOM 568 O O   . CYS A 1 80 ? -8.158  -5.142  -8.763  1.00 94.36 ? 80 CYS A O   1 
ATOM 569 C CB  . CYS A 1 80 ? -8.594  -4.109  -6.041  1.00 95.94 ? 80 CYS A CB  1 
ATOM 570 S SG  . CYS A 1 80 ? -7.378  -2.791  -6.215  1.00 94.76 ? 80 CYS A SG  1 
ATOM 571 N N   . GLY A 1 81 ? -6.149  -5.726  -7.932  1.00 97.43 ? 81 GLY A N   1 
ATOM 572 C CA  . GLY A 1 81 ? -5.462  -5.659  -9.206  1.00 97.03 ? 81 GLY A CA  1 
ATOM 573 C C   . GLY A 1 81 ? -4.595  -4.434  -9.398  1.00 97.50 ? 81 GLY A C   1 
ATOM 574 O O   . GLY A 1 81 ? -3.779  -4.417  -10.329 1.00 96.43 ? 81 GLY A O   1 
ATOM 575 N N   . SER A 1 82 ? -4.739  -3.411  -8.559  1.00 97.57 ? 82 SER A N   1 
ATOM 576 C CA  . SER A 1 82 ? -3.921  -2.216  -8.683  1.00 97.65 ? 82 SER A CA  1 
ATOM 577 C C   . SER A 1 82 ? -2.507  -2.482  -8.166  1.00 98.33 ? 82 SER A C   1 
ATOM 578 O O   . SER A 1 82 ? -2.168  -3.582  -7.721  1.00 98.20 ? 82 SER A O   1 
ATOM 579 C CB  . SER A 1 82 ? -4.555  -1.052  -7.924  1.00 95.53 ? 82 SER A CB  1 
ATOM 580 O OG  . SER A 1 82 ? -5.902  -0.861  -8.317  1.00 86.75 ? 82 SER A OG  1 
ATOM 581 N N   . THR A 1 83 ? -1.670  -1.449  -8.239  1.00 98.51 ? 83 THR A N   1 
ATOM 582 C CA  . THR A 1 83 ? -0.288  -1.518  -7.793  1.00 98.54 ? 83 THR A CA  1 
ATOM 583 C C   . THR A 1 83 ? 0.093   -0.236  -7.064  1.00 98.68 ? 83 THR A C   1 
ATOM 584 O O   . THR A 1 83 ? -0.549  0.808   -7.216  1.00 98.29 ? 83 THR A O   1 
ATOM 585 C CB  . THR A 1 83 ? 0.675   -1.745  -8.969  1.00 97.83 ? 83 THR A CB  1 
ATOM 586 O OG1 . THR A 1 83 ? 0.409   -0.787  -10.001 1.00 89.77 ? 83 THR A OG1 1 
ATOM 587 C CG2 . THR A 1 83 ? 0.528   -3.153  -9.529  1.00 88.51 ? 83 THR A CG2 1 
ATOM 588 N N   . VAL A 1 84 ? 1.152   -0.329  -6.264  1.00 98.78 ? 84 VAL A N   1 
ATOM 589 C CA  . VAL A 1 84 ? 1.673   0.834   -5.553  1.00 98.86 ? 84 VAL A CA  1 
ATOM 590 C C   . VAL A 1 84 ? 2.294   1.787   -6.566  1.00 98.85 ? 84 VAL A C   1 
ATOM 591 O O   . VAL A 1 84 ? 3.012   1.363   -7.479  1.00 98.71 ? 84 VAL A O   1 
ATOM 592 C CB  . VAL A 1 84 ? 2.690   0.413   -4.485  1.00 98.77 ? 84 VAL A CB  1 
ATOM 593 C CG1 . VAL A 1 84 ? 3.106   1.610   -3.643  1.00 98.52 ? 84 VAL A CG1 1 
ATOM 594 C CG2 . VAL A 1 84 ? 2.113   -0.691  -3.611  1.00 98.53 ? 84 VAL A CG2 1 
ATOM 595 N N   . ALA A 1 85 ? 2.020   3.082   -6.409  1.00 98.79 ? 85 ALA A N   1 
ATOM 596 C CA  . ALA A 1 85 ? 2.456   4.078   -7.378  1.00 98.63 ? 85 ALA A CA  1 
ATOM 597 C C   . ALA A 1 85 ? 3.675   4.878   -6.938  1.00 98.66 ? 85 ALA A C   1 
ATOM 598 O O   . ALA A 1 85 ? 4.520   5.197   -7.782  1.00 98.15 ? 85 ALA A O   1 
ATOM 599 C CB  . ALA A 1 85 ? 1.311   5.050   -7.690  1.00 98.46 ? 85 ALA A CB  1 
ATOM 600 N N   . ALA A 1 86 ? 3.794   5.210   -5.655  1.00 98.41 ? 86 ALA A N   1 
ATOM 601 C CA  . ALA A 1 86 ? 4.878   6.054   -5.176  1.00 98.10 ? 86 ALA A CA  1 
ATOM 602 C C   . ALA A 1 86 ? 5.246   5.679   -3.749  1.00 98.38 ? 86 ALA A C   1 
ATOM 603 O O   . ALA A 1 86 ? 4.481   5.028   -3.033  1.00 97.94 ? 86 ALA A O   1 
ATOM 604 C CB  . ALA A 1 86 ? 4.504   7.540   -5.246  1.00 97.00 ? 86 ALA A CB  1 
ATOM 605 N N   . GLY A 1 87 ? 6.438   6.103   -3.345  1.00 98.46 ? 87 GLY A N   1 
ATOM 606 C CA  . GLY A 1 87 ? 6.917   5.854   -1.997  1.00 98.49 ? 87 GLY A CA  1 
ATOM 607 C C   . GLY A 1 87 ? 7.936   6.899   -1.605  1.00 98.57 ? 87 GLY A C   1 
ATOM 608 O O   . GLY A 1 87 ? 8.381   7.706   -2.425  1.00 98.06 ? 87 GLY A O   1 
ATOM 609 N N   . ASP A 1 88 ? 8.299   6.873   -0.326  1.00 98.67 ? 88 ASP A N   1 
ATOM 610 C CA  . ASP A 1 88 ? 9.265   7.814   0.226   1.00 98.73 ? 88 ASP A CA  1 
ATOM 611 C C   . ASP A 1 88 ? 10.675  7.331   -0.092  1.00 98.61 ? 88 ASP A C   1 
ATOM 612 O O   . ASP A 1 88 ? 10.999  6.159   0.128   1.00 98.43 ? 88 ASP A O   1 
ATOM 613 C CB  . ASP A 1 88 ? 9.071   7.965   1.734   1.00 98.62 ? 88 ASP A CB  1 
ATOM 614 C CG  . ASP A 1 88 ? 9.159   9.408   2.188   1.00 98.41 ? 88 ASP A CG  1 
ATOM 615 O OD1 . ASP A 1 88 ? 10.240  10.015  2.038   1.00 97.02 ? 88 ASP A OD1 1 
ATOM 616 O OD2 . ASP A 1 88 ? 8.147   9.936   2.692   1.00 96.80 ? 88 ASP A OD2 1 
ATOM 617 N N   . GLY A 1 89 ? 11.508  8.234   -0.608  1.00 98.29 ? 89 GLY A N   1 
ATOM 618 C CA  . GLY A 1 89 ? 12.867  7.881   -0.981  1.00 97.91 ? 89 GLY A CA  1 
ATOM 619 C C   . GLY A 1 89 ? 13.835  7.771   0.179   1.00 98.16 ? 89 GLY A C   1 
ATOM 620 O O   . GLY A 1 89 ? 14.995  7.406   -0.042  1.00 97.07 ? 89 GLY A O   1 
ATOM 621 N N   . LEU A 1 90 ? 13.392  8.082   1.400   1.00 98.14 ? 90 LEU A N   1 
ATOM 622 C CA  . LEU A 1 90 ? 14.282  8.005   2.554   1.00 98.02 ? 90 LEU A CA  1 
ATOM 623 C C   . LEU A 1 90 ? 14.731  6.577   2.831   1.00 98.09 ? 90 LEU A C   1 
ATOM 624 O O   . LEU A 1 90 ? 15.896  6.349   3.174   1.00 97.61 ? 90 LEU A O   1 
ATOM 625 C CB  . LEU A 1 90 ? 13.594  8.588   3.789   1.00 97.85 ? 90 LEU A CB  1 
ATOM 626 C CG  . LEU A 1 90 ? 13.865  10.056  4.132   1.00 95.03 ? 90 LEU A CG  1 
ATOM 627 C CD1 . LEU A 1 90 ? 15.198  10.193  4.850   1.00 92.42 ? 90 LEU A CD1 1 
ATOM 628 C CD2 . LEU A 1 90 ? 13.829  10.936  2.892   1.00 92.14 ? 90 LEU A CD2 1 
ATOM 629 N N   . VAL A 1 91 ? 13.833  5.607   2.688   1.00 98.25 ? 91 VAL A N   1 
ATOM 630 C CA  . VAL A 1 91 ? 14.111  4.214   3.020   1.00 98.28 ? 91 VAL A CA  1 
ATOM 631 C C   . VAL A 1 91 ? 13.978  3.386   1.751   1.00 98.38 ? 91 VAL A C   1 
ATOM 632 O O   . VAL A 1 91 ? 12.992  3.520   1.016   1.00 98.13 ? 91 VAL A O   1 
ATOM 633 C CB  . VAL A 1 91 ? 13.167  3.689   4.114   1.00 97.85 ? 91 VAL A CB  1 
ATOM 634 C CG1 . VAL A 1 91 ? 13.469  2.231   4.421   1.00 97.10 ? 91 VAL A CG1 1 
ATOM 635 C CG2 . VAL A 1 91 ? 13.287  4.538   5.370   1.00 97.26 ? 91 VAL A CG2 1 
ATOM 636 N N   . GLN A 1 92 ? 14.969  2.539   1.494   1.00 98.20 ? 92 GLN A N   1 
ATOM 637 C CA  . GLN A 1 92 ? 14.957  1.617   0.367   1.00 98.06 ? 92 GLN A CA  1 
ATOM 638 C C   . GLN A 1 92 ? 15.238  0.208   0.871   1.00 97.99 ? 92 GLN A C   1 
ATOM 639 O O   . GLN A 1 92 ? 16.126  0.008   1.705   1.00 97.16 ? 92 GLN A O   1 
ATOM 640 C CB  . GLN A 1 92 ? 15.992  2.022   -0.686  1.00 97.29 ? 92 GLN A CB  1 
ATOM 641 C CG  . GLN A 1 92 ? 15.766  3.404   -1.279  1.00 92.93 ? 92 GLN A CG  1 
ATOM 642 C CD  . GLN A 1 92 ? 14.453  3.507   -2.031  1.00 87.51 ? 92 GLN A CD  1 
ATOM 643 O OE1 . GLN A 1 92 ? 14.011  2.549   -2.662  1.00 78.90 ? 92 GLN A OE1 1 
ATOM 644 N NE2 . GLN A 1 92 ? 13.824  4.675   -1.967  1.00 74.48 ? 92 GLN A NE2 1 
ATOM 645 N N   . VAL A 1 93 ? 14.480  -0.761  0.364   1.00 97.40 ? 93 VAL A N   1 
ATOM 646 C CA  . VAL A 1 93 ? 14.612  -2.161  0.752   1.00 96.75 ? 93 VAL A CA  1 
ATOM 647 C C   . VAL A 1 93 ? 14.894  -2.980  -0.497  1.00 95.70 ? 93 VAL A C   1 
ATOM 648 O O   . VAL A 1 93 ? 14.223  -2.809  -1.522  1.00 93.58 ? 93 VAL A O   1 
ATOM 649 C CB  . VAL A 1 93 ? 13.351  -2.676  1.470   1.00 96.27 ? 93 VAL A CB  1 
ATOM 650 C CG1 . VAL A 1 93 ? 13.581  -4.084  1.993   1.00 95.21 ? 93 VAL A CG1 1 
ATOM 651 C CG2 . VAL A 1 93 ? 12.964  -1.742  2.603   1.00 95.22 ? 93 VAL A CG2 1 
ATOM 652 N N   . SER A 1 94 ? 15.882  -3.863  -0.413  1.00 95.40 ? 94 SER A N   1 
ATOM 653 C CA  . SER A 1 94 ? 16.245  -4.715  -1.537  1.00 93.70 ? 94 SER A CA  1 
ATOM 654 C C   . SER A 1 94 ? 16.733  -6.073  -1.050  1.00 91.22 ? 94 SER A C   1 
ATOM 655 O O   . SER A 1 94 ? 16.692  -6.370  0.143   1.00 85.23 ? 94 SER A O   1 
ATOM 656 C CB  . SER A 1 94 ? 17.318  -4.044  -2.394  1.00 89.94 ? 94 SER A CB  1 
ATOM 657 O OG  . SER A 1 94 ? 16.731  -3.309  -3.454  1.00 84.49 ? 94 SER A OG  1 
ATOM 658 O OXT . SER A 1 94 ? 17.175  -6.909  -1.837  1.00 83.76 ? 94 SER A OXT 1 
# 
